data_3WV5
#
_entry.id   3WV5
#
_cell.length_a   80.660
_cell.length_b   109.410
_cell.length_c   200.210
_cell.angle_alpha   90.00
_cell.angle_beta   90.00
_cell.angle_gamma   90.00
#
_symmetry.space_group_name_H-M   'C 2 2 21'
#
loop_
_entity.id
_entity.type
_entity.pdbx_description
1 polymer 'Non-ribosomal peptide synthetase'
2 non-polymer '(2S,3S)-3-methyl-aspartic acid'
3 water water
#
_entity_poly.entity_id   1
_entity_poly.type   'polypeptide(L)'
_entity_poly.pdbx_seq_one_letter_code
;MNHKVHHHHHHIEGRHMYSPDRRAALNSVANMVSDNADKDLRYGGLVHDLLADSGKATPNSDAMEDAFGTWTYQELLNHS
QAFSAWLDGKGVARGERIVVQLPNIRQTVAVFYGACRRGVVFVPLNPGMKPFHLRSVIADADPRLVIAEDETAADRLRDV
TDLPVYSIDSLWADVERLRDAGAGAEAVEVSPEDLAVLIYTSGSTAAPKAVACPHQQIVFAASSINAVLGYHAEDIVFCR
MSVSWDFGLYKVLISTLTGAKLVLAGGEPDIALVKSLRESGATMMPIVPSLASMLTTLIRRDPEGAPTLRMFTNSAAALP
QVTIDALRSAFPGAQVVRMYGQTECKRISIMPPHLEHERPDSVGLPLPGTTIEILDEDGTLLPPGEPGEITVTGPHVMAG
YWRAPEITARAYRRDETTGAMRLHTGDYGHLDEDGFLYFGGR
;
_entity_poly.pdbx_strand_id   A,B
#
# COMPACT_ATOMS: atom_id res chain seq x y z
N LYS A 39 14.17 21.30 -22.82
CA LYS A 39 13.31 22.51 -23.03
C LYS A 39 13.56 23.55 -21.90
N ASP A 40 12.65 23.60 -20.92
CA ASP A 40 12.90 24.12 -19.57
C ASP A 40 13.45 22.96 -18.71
N LEU A 41 13.64 21.84 -19.36
CA LEU A 41 14.18 20.65 -18.70
C LEU A 41 15.59 20.88 -18.30
N ARG A 42 15.95 20.54 -17.07
CA ARG A 42 17.31 20.71 -16.55
C ARG A 42 18.00 19.38 -16.41
N TYR A 43 19.13 19.25 -17.10
CA TYR A 43 19.93 18.07 -17.09
C TYR A 43 21.23 18.38 -16.35
N GLY A 44 21.75 17.41 -15.62
CA GLY A 44 23.01 17.59 -14.92
C GLY A 44 23.03 18.62 -13.81
N GLY A 45 21.87 18.94 -13.20
CA GLY A 45 21.84 20.01 -12.19
C GLY A 45 22.22 19.57 -10.79
N LEU A 46 22.57 20.56 -9.97
CA LEU A 46 22.71 20.45 -8.53
C LEU A 46 21.55 21.14 -7.81
N VAL A 47 20.96 20.47 -6.83
CA VAL A 47 19.85 20.96 -6.08
C VAL A 47 20.04 22.39 -5.53
N HIS A 48 21.14 22.61 -4.77
CA HIS A 48 21.44 23.94 -4.18
C HIS A 48 21.67 25.07 -5.22
N ASP A 49 22.02 24.72 -6.45
CA ASP A 49 22.04 25.72 -7.47
C ASP A 49 20.66 26.33 -7.73
N LEU A 50 19.58 25.59 -7.52
CA LEU A 50 18.24 26.19 -7.62
C LEU A 50 18.14 27.37 -6.67
N LEU A 51 18.65 27.18 -5.43
CA LEU A 51 18.57 28.20 -4.40
C LEU A 51 19.48 29.36 -4.68
N ALA A 52 20.71 29.08 -5.11
CA ALA A 52 21.67 30.14 -5.41
C ALA A 52 21.09 31.02 -6.48
N ASP A 53 20.50 30.43 -7.52
CA ASP A 53 19.91 31.26 -8.57
C ASP A 53 18.83 32.19 -8.08
N SER A 54 17.89 31.63 -7.33
CA SER A 54 16.78 32.46 -6.88
C SER A 54 17.22 33.47 -5.83
N GLY A 55 18.19 33.10 -4.99
CA GLY A 55 18.76 34.02 -4.02
C GLY A 55 19.42 35.23 -4.66
N LYS A 56 20.07 35.04 -5.79
CA LYS A 56 20.58 36.13 -6.63
C LYS A 56 19.56 36.78 -7.49
N ALA A 57 18.65 36.00 -8.06
CA ALA A 57 17.69 36.61 -8.99
C ALA A 57 16.63 37.48 -8.30
N THR A 58 16.05 36.96 -7.22
CA THR A 58 14.96 37.65 -6.51
C THR A 58 15.21 37.62 -4.96
N PRO A 59 16.31 38.22 -4.50
CA PRO A 59 16.67 38.02 -3.09
C PRO A 59 15.61 38.52 -2.12
N ASN A 60 14.88 39.54 -2.55
CA ASN A 60 13.87 40.15 -1.70
C ASN A 60 12.49 39.55 -1.80
N SER A 61 12.24 38.59 -2.68
CA SER A 61 10.90 37.93 -2.67
C SER A 61 10.78 36.89 -1.58
N ASP A 62 9.54 36.72 -1.13
CA ASP A 62 9.24 35.72 -0.13
C ASP A 62 9.40 34.31 -0.64
N ALA A 63 10.19 33.52 0.08
CA ALA A 63 10.46 32.15 -0.32
C ALA A 63 9.69 31.12 0.56
N MET A 64 9.70 31.29 1.87
CA MET A 64 9.19 30.25 2.79
C MET A 64 8.40 30.94 3.88
N GLU A 65 7.15 30.54 4.10
CA GLU A 65 6.45 30.94 5.29
C GLU A 65 6.04 29.71 6.10
N ASP A 66 6.15 29.81 7.41
CA ASP A 66 5.63 28.78 8.31
C ASP A 66 4.82 29.44 9.41
N ALA A 67 4.40 28.68 10.42
CA ALA A 67 3.61 29.23 11.57
C ALA A 67 4.33 30.37 12.30
N PHE A 68 5.65 30.48 12.14
CA PHE A 68 6.46 31.37 12.98
C PHE A 68 7.04 32.59 12.27
N GLY A 69 7.11 32.58 10.96
CA GLY A 69 7.63 33.73 10.25
C GLY A 69 7.87 33.38 8.81
N THR A 70 8.51 34.31 8.12
CA THR A 70 8.74 34.24 6.69
C THR A 70 10.19 34.58 6.38
N TRP A 71 10.77 33.86 5.43
CA TRP A 71 12.10 34.19 4.93
C TRP A 71 11.98 34.58 3.49
N THR A 72 12.71 35.60 3.09
CA THR A 72 12.96 35.88 1.70
C THR A 72 13.93 34.86 1.16
N TYR A 73 14.19 34.91 -0.12
CA TYR A 73 15.16 34.03 -0.75
C TYR A 73 16.57 34.34 -0.22
N GLN A 74 16.90 35.62 -0.02
CA GLN A 74 18.19 36.03 0.61
C GLN A 74 18.37 35.36 1.96
N GLU A 75 17.36 35.52 2.83
CA GLU A 75 17.33 34.89 4.13
C GLU A 75 17.47 33.42 4.06
N LEU A 76 16.76 32.77 3.13
CA LEU A 76 16.90 31.28 3.02
C LEU A 76 18.33 30.90 2.61
N LEU A 77 18.89 31.69 1.69
CA LEU A 77 20.27 31.44 1.21
C LEU A 77 21.26 31.64 2.34
N ASN A 78 21.05 32.69 3.12
CA ASN A 78 21.94 33.00 4.22
C ASN A 78 21.88 31.89 5.29
N HIS A 79 20.66 31.48 5.65
CA HIS A 79 20.54 30.44 6.66
C HIS A 79 21.04 29.10 6.14
N SER A 80 20.82 28.82 4.87
CA SER A 80 21.34 27.56 4.29
C SER A 80 22.92 27.50 4.31
N GLN A 81 23.53 28.62 3.91
CA GLN A 81 25.00 28.81 3.98
C GLN A 81 25.51 28.63 5.42
N ALA A 82 24.89 29.35 6.36
CA ALA A 82 25.19 29.18 7.79
C ALA A 82 25.12 27.73 8.27
N PHE A 83 24.05 27.05 7.87
CA PHE A 83 23.95 25.61 8.21
C PHE A 83 25.03 24.78 7.55
N SER A 84 25.41 25.10 6.31
CA SER A 84 26.51 24.40 5.67
C SER A 84 27.80 24.57 6.58
N ALA A 85 28.04 25.78 7.08
CA ALA A 85 29.23 26.03 7.95
C ALA A 85 29.12 25.21 9.25
N TRP A 86 27.91 25.06 9.77
CA TRP A 86 27.71 24.25 10.94
C TRP A 86 28.11 22.82 10.64
N LEU A 87 27.79 22.32 9.45
CA LEU A 87 28.19 20.95 9.11
C LEU A 87 29.73 20.87 9.00
N ASP A 88 30.32 21.84 8.31
CA ASP A 88 31.79 21.95 8.22
C ASP A 88 32.37 21.90 9.64
N GLY A 89 31.90 22.80 10.50
CA GLY A 89 32.25 22.82 11.93
C GLY A 89 32.18 21.50 12.65
N LYS A 90 31.23 20.66 12.29
CA LYS A 90 31.09 19.33 12.87
C LYS A 90 31.85 18.30 12.08
N GLY A 91 32.54 18.72 11.03
CA GLY A 91 33.29 17.79 10.20
C GLY A 91 32.46 16.75 9.47
N VAL A 92 31.19 17.07 9.13
CA VAL A 92 30.38 16.14 8.36
C VAL A 92 30.83 16.28 6.94
N ALA A 93 31.27 15.18 6.34
CA ALA A 93 31.85 15.25 5.01
C ALA A 93 30.87 14.91 3.90
N ARG A 94 31.30 15.28 2.70
CA ARG A 94 30.68 14.88 1.47
C ARG A 94 30.30 13.42 1.48
N GLY A 95 29.10 13.10 1.03
CA GLY A 95 28.65 11.71 0.95
C GLY A 95 28.04 11.15 2.21
N GLU A 96 28.30 11.77 3.35
CA GLU A 96 27.74 11.28 4.62
C GLU A 96 26.28 11.71 4.75
N ARG A 97 25.52 11.03 5.60
CA ARG A 97 24.11 11.30 5.82
C ARG A 97 23.93 12.05 7.13
N ILE A 98 22.95 12.94 7.15
CA ILE A 98 22.37 13.44 8.35
C ILE A 98 20.90 13.05 8.32
N VAL A 99 20.42 12.53 9.44
CA VAL A 99 19.01 12.23 9.61
C VAL A 99 18.36 13.38 10.36
N VAL A 100 17.24 13.85 9.81
CA VAL A 100 16.64 15.05 10.28
C VAL A 100 15.20 14.71 10.50
N GLN A 101 14.78 14.70 11.76
CA GLN A 101 13.37 14.49 12.07
C GLN A 101 12.72 15.75 12.60
N LEU A 102 12.15 16.52 11.70
CA LEU A 102 11.64 17.82 11.95
C LEU A 102 10.30 18.05 11.32
N PRO A 103 9.52 18.95 11.89
CA PRO A 103 8.25 19.30 11.29
C PRO A 103 8.53 20.19 10.09
N ASN A 104 7.47 20.67 9.45
CA ASN A 104 7.57 21.59 8.31
C ASN A 104 7.79 23.02 8.79
N ILE A 105 9.05 23.37 8.97
CA ILE A 105 9.38 24.68 9.42
C ILE A 105 10.54 25.16 8.57
N ARG A 106 10.71 26.47 8.56
CA ARG A 106 11.75 27.09 7.77
C ARG A 106 13.15 26.45 7.95
N GLN A 107 13.54 26.17 9.19
CA GLN A 107 14.87 25.61 9.50
C GLN A 107 15.12 24.32 8.74
N THR A 108 14.10 23.49 8.57
CA THR A 108 14.28 22.22 7.85
C THR A 108 14.69 22.45 6.39
N VAL A 109 14.14 23.51 5.79
CA VAL A 109 14.50 23.79 4.39
C VAL A 109 15.97 24.25 4.32
N ALA A 110 16.40 24.99 5.34
CA ALA A 110 17.76 25.50 5.36
C ALA A 110 18.71 24.35 5.62
N VAL A 111 18.24 23.36 6.38
CA VAL A 111 19.00 22.18 6.60
C VAL A 111 19.20 21.38 5.33
N PHE A 112 18.12 21.23 4.56
CA PHE A 112 18.13 20.53 3.31
C PHE A 112 19.16 21.17 2.36
N TYR A 113 18.97 22.45 2.08
CA TYR A 113 19.84 23.16 1.14
C TYR A 113 21.32 23.24 1.63
N GLY A 114 21.52 23.52 2.91
CA GLY A 114 22.89 23.62 3.46
C GLY A 114 23.61 22.31 3.32
N ALA A 115 22.89 21.20 3.55
CA ALA A 115 23.44 19.86 3.37
C ALA A 115 23.80 19.64 1.91
N CYS A 116 22.88 19.95 1.01
CA CYS A 116 23.11 19.85 -0.42
C CYS A 116 24.38 20.60 -0.89
N ARG A 117 24.55 21.83 -0.40
CA ARG A 117 25.71 22.67 -0.70
C ARG A 117 27.08 22.04 -0.27
N ARG A 118 27.05 20.99 0.56
CA ARG A 118 28.27 20.31 0.99
C ARG A 118 28.27 18.86 0.54
N GLY A 119 27.37 18.48 -0.36
CA GLY A 119 27.29 17.10 -0.82
C GLY A 119 26.91 16.10 0.25
N VAL A 120 26.39 16.60 1.37
CA VAL A 120 25.89 15.79 2.46
C VAL A 120 24.42 15.35 2.13
N VAL A 121 24.08 14.13 2.54
CA VAL A 121 22.88 13.47 2.18
C VAL A 121 21.77 13.74 3.23
N PHE A 122 20.71 14.43 2.80
CA PHE A 122 19.59 14.79 3.65
C PHE A 122 18.71 13.54 3.80
N VAL A 123 18.39 13.12 5.04
CA VAL A 123 17.54 11.99 5.26
C VAL A 123 16.36 12.46 6.12
N PRO A 124 15.29 12.96 5.48
CA PRO A 124 14.20 13.50 6.28
C PRO A 124 13.26 12.41 6.77
N LEU A 125 12.95 12.44 8.04
CA LEU A 125 12.00 11.49 8.63
C LEU A 125 10.85 12.25 9.29
N ASN A 126 9.68 11.63 9.26
CA ASN A 126 8.50 12.20 9.83
C ASN A 126 8.51 12.18 11.38
N PRO A 127 8.23 13.32 12.03
CA PRO A 127 8.05 13.35 13.49
C PRO A 127 6.98 12.35 13.87
N GLY A 128 7.05 11.78 15.07
CA GLY A 128 6.02 10.83 15.48
C GLY A 128 6.17 9.37 15.04
N MET A 129 7.23 9.00 14.35
CA MET A 129 7.52 7.59 14.15
C MET A 129 7.64 6.88 15.47
N LYS A 130 7.20 5.62 15.52
CA LYS A 130 7.42 4.78 16.72
C LYS A 130 8.90 4.60 16.92
N PRO A 131 9.35 4.45 18.19
CA PRO A 131 10.78 4.30 18.41
C PRO A 131 11.43 3.16 17.66
N PHE A 132 10.86 1.96 17.70
CA PHE A 132 11.53 0.81 17.05
C PHE A 132 11.65 1.07 15.56
N HIS A 133 10.66 1.75 15.01
CA HIS A 133 10.66 2.11 13.58
C HIS A 133 11.85 3.02 13.28
N LEU A 134 12.00 4.11 14.06
CA LEU A 134 13.23 4.98 14.02
C LEU A 134 14.53 4.24 14.19
N ARG A 135 14.59 3.33 15.16
CA ARG A 135 15.82 2.64 15.36
C ARG A 135 16.22 1.98 14.05
N SER A 136 15.26 1.31 13.41
CA SER A 136 15.54 0.53 12.21
C SER A 136 15.99 1.41 11.04
N VAL A 137 15.27 2.51 10.86
CA VAL A 137 15.55 3.43 9.78
C VAL A 137 16.87 4.21 10.02
N ILE A 138 17.11 4.66 11.24
CA ILE A 138 18.37 5.39 11.51
C ILE A 138 19.55 4.49 11.25
N ALA A 139 19.51 3.28 11.79
CA ALA A 139 20.58 2.32 11.56
C ALA A 139 20.73 2.07 10.07
N ASP A 140 19.64 1.83 9.32
CA ASP A 140 19.79 1.64 7.83
C ASP A 140 20.49 2.84 7.10
N ALA A 141 20.08 4.04 7.48
CA ALA A 141 20.58 5.26 6.87
C ALA A 141 22.00 5.49 7.26
N ASP A 142 22.39 5.00 8.44
CA ASP A 142 23.84 5.04 8.84
C ASP A 142 24.43 6.46 8.80
N PRO A 143 23.85 7.38 9.60
CA PRO A 143 24.25 8.76 9.49
C PRO A 143 25.41 9.10 10.36
N ARG A 144 25.93 10.29 10.12
CA ARG A 144 26.96 10.90 10.92
C ARG A 144 26.35 11.51 12.18
N LEU A 145 25.12 12.01 12.09
CA LEU A 145 24.41 12.63 13.22
C LEU A 145 22.95 12.78 12.91
N VAL A 146 22.20 13.15 13.96
CA VAL A 146 20.74 13.18 13.89
C VAL A 146 20.27 14.50 14.47
N ILE A 147 19.30 15.12 13.80
CA ILE A 147 18.74 16.41 14.23
C ILE A 147 17.28 16.17 14.62
N ALA A 148 16.90 16.65 15.80
CA ALA A 148 15.59 16.40 16.36
C ALA A 148 14.84 17.69 16.54
N GLU A 149 13.58 17.53 16.85
CA GLU A 149 12.67 18.63 16.85
C GLU A 149 12.81 19.52 18.06
N ASP A 150 13.18 18.93 19.18
CA ASP A 150 13.27 19.61 20.46
C ASP A 150 13.96 18.66 21.43
N GLU A 151 14.07 19.09 22.69
CA GLU A 151 14.85 18.32 23.69
C GLU A 151 14.20 17.01 24.11
N THR A 152 12.87 16.98 24.21
CA THR A 152 12.20 15.71 24.53
C THR A 152 12.45 14.71 23.39
N ALA A 153 12.25 15.16 22.16
CA ALA A 153 12.48 14.31 20.97
C ALA A 153 13.93 13.87 20.84
N ALA A 154 14.86 14.77 21.11
CA ALA A 154 16.28 14.44 21.11
C ALA A 154 16.57 13.31 22.11
N ASP A 155 15.95 13.34 23.29
CA ASP A 155 16.07 12.22 24.27
C ASP A 155 15.50 10.90 23.79
N ARG A 156 14.30 10.94 23.24
CA ARG A 156 13.71 9.74 22.66
C ARG A 156 14.66 9.17 21.57
N LEU A 157 15.24 10.04 20.75
CA LEU A 157 16.17 9.60 19.71
C LEU A 157 17.41 8.99 20.32
N ARG A 158 17.91 9.58 21.39
CA ARG A 158 19.08 9.03 22.09
C ARG A 158 18.84 7.61 22.61
N ASP A 159 17.61 7.27 22.99
CA ASP A 159 17.30 5.88 23.34
C ASP A 159 17.65 4.94 22.19
N VAL A 160 17.43 5.38 20.95
CA VAL A 160 17.35 4.43 19.81
C VAL A 160 18.55 4.54 18.85
N THR A 161 19.56 5.32 19.22
CA THR A 161 20.82 5.40 18.49
C THR A 161 21.94 5.87 19.41
N ASP A 162 23.18 5.47 19.11
CA ASP A 162 24.35 5.99 19.83
C ASP A 162 25.00 7.16 19.12
N LEU A 163 24.47 7.54 17.97
CA LEU A 163 25.01 8.70 17.24
C LEU A 163 24.66 9.99 17.96
N PRO A 164 25.48 11.04 17.77
CA PRO A 164 25.20 12.38 18.27
C PRO A 164 23.85 12.92 17.81
N VAL A 165 23.05 13.43 18.74
CA VAL A 165 21.69 13.92 18.44
C VAL A 165 21.58 15.39 18.89
N TYR A 166 21.20 16.30 17.99
CA TYR A 166 21.12 17.72 18.28
C TYR A 166 19.71 18.26 18.12
N SER A 167 19.23 19.00 19.11
CA SER A 167 17.95 19.67 19.04
C SER A 167 18.07 20.86 18.10
N ILE A 168 17.04 21.09 17.30
CA ILE A 168 17.10 22.17 16.32
C ILE A 168 17.22 23.57 16.98
N ASP A 169 16.54 23.77 18.10
CA ASP A 169 16.61 25.08 18.72
C ASP A 169 18.02 25.36 19.28
N SER A 170 18.70 24.37 19.82
CA SER A 170 20.03 24.66 20.33
C SER A 170 21.04 24.75 19.19
N LEU A 171 20.96 23.88 18.17
CA LEU A 171 21.99 24.02 17.13
C LEU A 171 21.71 25.31 16.38
N TRP A 172 20.45 25.77 16.37
CA TRP A 172 20.12 26.99 15.59
C TRP A 172 20.73 28.28 16.21
N ALA A 173 21.03 28.28 17.52
CA ALA A 173 21.66 29.47 18.12
C ALA A 173 23.02 29.66 17.48
N ASP A 174 23.68 28.55 17.19
CA ASP A 174 24.96 28.57 16.47
C ASP A 174 24.84 28.94 15.04
N VAL A 175 23.80 28.41 14.39
CA VAL A 175 23.56 28.73 12.98
C VAL A 175 23.43 30.23 12.82
N GLU A 176 22.69 30.86 13.72
CA GLU A 176 22.46 32.30 13.65
C GLU A 176 23.78 33.07 13.88
N ARG A 177 24.62 32.60 14.82
CA ARG A 177 25.94 33.21 14.97
C ARG A 177 26.67 33.11 13.65
N LEU A 178 26.71 31.91 13.09
CA LEU A 178 27.46 31.71 11.82
C LEU A 178 26.90 32.58 10.67
N ARG A 179 25.57 32.69 10.63
CA ARG A 179 24.89 33.53 9.65
C ARG A 179 25.33 34.97 9.80
N ASP A 180 25.39 35.42 11.04
CA ASP A 180 25.83 36.78 11.35
C ASP A 180 27.29 37.03 10.96
N ALA A 181 28.13 36.03 11.13
CA ALA A 181 29.52 36.10 10.71
C ALA A 181 29.68 35.96 9.21
N GLY A 182 28.60 35.73 8.47
CA GLY A 182 28.70 35.49 7.02
C GLY A 182 29.35 34.17 6.66
N ALA A 183 29.27 33.16 7.52
CA ALA A 183 29.98 31.90 7.26
C ALA A 183 29.32 30.98 6.24
N GLY A 184 30.13 30.23 5.49
CA GLY A 184 29.67 29.09 4.69
C GLY A 184 29.38 29.48 3.28
N ALA A 185 29.62 30.75 2.98
CA ALA A 185 29.32 31.29 1.68
C ALA A 185 30.03 30.58 0.54
N GLU A 186 31.11 29.87 0.83
CA GLU A 186 31.90 29.25 -0.21
C GLU A 186 31.25 27.97 -0.65
N ALA A 187 31.50 27.67 -1.90
CA ALA A 187 31.07 26.44 -2.53
C ALA A 187 32.11 25.39 -2.28
N VAL A 188 31.72 24.15 -2.54
CA VAL A 188 32.60 23.01 -2.41
C VAL A 188 32.21 22.15 -3.60
N GLU A 189 33.01 21.16 -3.92
CA GLU A 189 32.78 20.32 -5.09
C GLU A 189 31.64 19.36 -4.79
N VAL A 190 30.63 19.41 -5.63
CA VAL A 190 29.52 18.46 -5.54
C VAL A 190 29.22 18.05 -6.95
N SER A 191 29.18 16.75 -7.16
CA SER A 191 28.88 16.20 -8.49
C SER A 191 27.37 16.07 -8.64
N PRO A 192 26.86 16.29 -9.85
CA PRO A 192 25.47 15.99 -10.17
C PRO A 192 25.10 14.53 -9.93
N GLU A 193 26.08 13.65 -9.94
CA GLU A 193 25.82 12.24 -9.63
C GLU A 193 25.80 11.94 -8.15
N ASP A 194 26.18 12.87 -7.31
CA ASP A 194 26.20 12.61 -5.85
C ASP A 194 24.77 12.54 -5.32
N LEU A 195 24.60 11.70 -4.30
CA LEU A 195 23.33 11.62 -3.58
C LEU A 195 23.04 12.93 -2.84
N ALA A 196 21.80 13.41 -3.04
CA ALA A 196 21.27 14.54 -2.30
C ALA A 196 20.33 14.06 -1.17
N VAL A 197 19.55 13.03 -1.43
CA VAL A 197 18.55 12.62 -0.46
C VAL A 197 18.27 11.13 -0.47
N LEU A 198 18.02 10.58 0.71
CA LEU A 198 17.36 9.29 0.87
C LEU A 198 15.95 9.50 1.37
N ILE A 199 15.00 8.89 0.68
CA ILE A 199 13.60 9.05 0.98
C ILE A 199 13.12 7.69 1.39
N TYR A 200 12.84 7.54 2.67
CA TYR A 200 12.31 6.30 3.20
C TYR A 200 10.82 6.16 2.86
N THR A 201 10.45 5.02 2.28
CA THR A 201 9.04 4.72 1.91
C THR A 201 8.43 3.53 2.67
N SER A 202 9.26 2.86 3.48
CA SER A 202 8.85 1.65 4.19
C SER A 202 8.04 1.99 5.44
N GLY A 203 6.94 1.28 5.67
CA GLY A 203 6.23 1.42 6.92
C GLY A 203 6.88 0.72 8.12
N SER A 204 6.25 0.91 9.27
CA SER A 204 6.61 0.21 10.54
C SER A 204 6.82 -1.28 10.42
N THR A 205 5.87 -1.91 9.75
CA THR A 205 5.76 -3.34 9.63
C THR A 205 6.66 -3.91 8.55
N ALA A 206 7.53 -3.07 7.98
CA ALA A 206 8.39 -3.45 6.86
C ALA A 206 9.85 -3.21 7.16
N ALA A 207 10.69 -3.89 6.38
CA ALA A 207 12.13 -3.71 6.43
C ALA A 207 12.44 -2.32 5.91
N PRO A 208 13.52 -1.71 6.41
CA PRO A 208 13.77 -0.34 6.06
C PRO A 208 14.08 -0.25 4.56
N LYS A 209 13.58 0.79 3.91
CA LYS A 209 13.82 0.90 2.48
C LYS A 209 13.71 2.36 2.07
N ALA A 210 14.73 2.87 1.40
CA ALA A 210 14.83 4.26 1.00
C ALA A 210 15.24 4.34 -0.42
N VAL A 211 14.72 5.33 -1.13
CA VAL A 211 15.12 5.52 -2.51
C VAL A 211 16.24 6.48 -2.45
N ALA A 212 17.28 6.22 -3.22
CA ALA A 212 18.51 6.96 -3.13
C ALA A 212 18.51 7.93 -4.24
N CYS A 213 18.48 9.24 -3.91
CA CYS A 213 18.21 10.29 -4.89
C CYS A 213 19.38 11.22 -5.16
N PRO A 214 19.97 11.14 -6.37
CA PRO A 214 21.08 12.02 -6.77
C PRO A 214 20.61 13.37 -7.14
N HIS A 215 21.49 14.36 -7.01
CA HIS A 215 21.20 15.71 -7.43
C HIS A 215 20.51 15.85 -8.79
N GLN A 216 21.10 15.29 -9.85
CA GLN A 216 20.67 15.49 -11.27
C GLN A 216 19.23 15.08 -11.46
N GLN A 217 18.90 13.86 -11.03
CA GLN A 217 17.52 13.33 -11.09
C GLN A 217 16.50 14.21 -10.41
N ILE A 218 16.84 14.67 -9.22
CA ILE A 218 15.95 15.54 -8.49
C ILE A 218 15.68 16.78 -9.29
N VAL A 219 16.74 17.47 -9.69
CA VAL A 219 16.58 18.72 -10.39
C VAL A 219 15.84 18.49 -11.71
N PHE A 220 16.17 17.42 -12.39
CA PHE A 220 15.47 17.10 -13.61
C PHE A 220 13.95 16.91 -13.34
N ALA A 221 13.63 16.06 -12.38
CA ALA A 221 12.23 15.74 -12.12
C ALA A 221 11.45 17.02 -11.75
N ALA A 222 12.06 17.94 -11.00
CA ALA A 222 11.39 19.13 -10.60
C ALA A 222 11.05 19.95 -11.84
N SER A 223 12.01 20.01 -12.76
CA SER A 223 11.89 20.87 -13.91
C SER A 223 10.85 20.32 -14.89
N SER A 224 10.79 19.00 -14.97
CA SER A 224 9.89 18.31 -15.86
C SER A 224 8.45 18.39 -15.35
N ILE A 225 8.26 18.19 -14.05
CA ILE A 225 6.94 18.42 -13.45
C ILE A 225 6.48 19.83 -13.73
N ASN A 226 7.38 20.78 -13.49
CA ASN A 226 7.01 22.17 -13.66
C ASN A 226 6.77 22.54 -15.11
N ALA A 227 7.41 21.87 -16.04
CA ALA A 227 7.11 22.15 -17.43
C ALA A 227 5.64 21.83 -17.71
N VAL A 228 5.06 20.87 -17.02
CA VAL A 228 3.66 20.56 -17.22
C VAL A 228 2.77 21.50 -16.34
N LEU A 229 3.15 21.74 -15.08
CA LEU A 229 2.24 22.38 -14.13
C LEU A 229 2.23 23.90 -14.21
N GLY A 230 3.36 24.51 -14.55
CA GLY A 230 3.48 25.94 -14.71
C GLY A 230 3.46 26.78 -13.48
N TYR A 231 4.18 26.37 -12.45
CA TYR A 231 4.35 27.26 -11.28
C TYR A 231 5.13 28.47 -11.70
N HIS A 232 4.87 29.62 -11.11
CA HIS A 232 5.70 30.77 -11.43
C HIS A 232 5.89 31.64 -10.18
N ALA A 233 6.60 32.75 -10.37
CA ALA A 233 7.16 33.51 -9.26
C ALA A 233 6.16 34.23 -8.36
N GLU A 234 4.98 34.50 -8.88
CA GLU A 234 3.86 35.02 -8.04
C GLU A 234 2.93 33.95 -7.51
N ASP A 235 3.20 32.67 -7.76
CA ASP A 235 2.44 31.60 -7.08
C ASP A 235 2.75 31.55 -5.56
N ILE A 236 1.74 31.13 -4.81
CA ILE A 236 1.85 30.92 -3.39
C ILE A 236 1.40 29.47 -3.20
N VAL A 237 2.33 28.60 -2.82
CA VAL A 237 2.09 27.17 -2.74
C VAL A 237 1.72 26.81 -1.30
N PHE A 238 0.56 26.22 -1.11
CA PHE A 238 0.12 25.83 0.20
C PHE A 238 0.32 24.31 0.38
N CYS A 239 1.33 23.97 1.18
CA CYS A 239 1.83 22.64 1.25
C CYS A 239 1.60 22.06 2.61
N ARG A 240 0.78 21.05 2.64
CA ARG A 240 0.43 20.44 3.87
C ARG A 240 1.13 19.07 4.04
N MET A 241 1.96 18.68 3.08
CA MET A 241 2.70 17.41 3.08
C MET A 241 4.04 17.61 3.72
N SER A 242 4.44 16.67 4.56
CA SER A 242 5.76 16.69 5.16
C SER A 242 6.82 16.62 4.08
N VAL A 243 7.93 17.33 4.30
CA VAL A 243 9.10 17.21 3.40
C VAL A 243 9.78 15.84 3.49
N SER A 244 9.42 15.04 4.48
CA SER A 244 9.89 13.68 4.49
C SER A 244 9.26 12.81 3.40
N TRP A 245 8.17 13.26 2.81
CA TRP A 245 7.52 12.61 1.66
C TRP A 245 8.00 13.42 0.42
N ASP A 246 8.28 12.76 -0.72
CA ASP A 246 8.69 13.55 -1.89
C ASP A 246 7.60 14.53 -2.39
N PHE A 247 6.36 14.34 -1.91
CA PHE A 247 5.30 15.28 -2.24
C PHE A 247 5.64 16.64 -1.69
N GLY A 248 5.99 16.73 -0.41
CA GLY A 248 6.41 18.03 0.11
C GLY A 248 7.82 18.49 -0.30
N LEU A 249 8.76 17.57 -0.35
CA LEU A 249 10.13 17.94 -0.75
C LEU A 249 10.05 18.69 -2.05
N TYR A 250 9.24 18.21 -2.97
CA TYR A 250 9.25 18.82 -4.34
C TYR A 250 8.47 20.11 -4.47
N LYS A 251 7.61 20.41 -3.50
CA LYS A 251 7.02 21.74 -3.41
C LYS A 251 8.12 22.74 -2.90
N VAL A 252 9.07 22.26 -2.05
CA VAL A 252 10.26 23.06 -1.71
C VAL A 252 11.05 23.33 -2.96
N LEU A 253 11.35 22.27 -3.71
CA LEU A 253 12.19 22.40 -4.94
C LEU A 253 11.54 23.19 -6.06
N ILE A 254 10.26 22.93 -6.30
CA ILE A 254 9.58 23.59 -7.41
C ILE A 254 9.36 25.04 -7.07
N SER A 255 9.03 25.38 -5.82
CA SER A 255 8.90 26.76 -5.48
C SER A 255 10.22 27.44 -5.67
N THR A 256 11.31 26.82 -5.19
CA THR A 256 12.66 27.46 -5.27
C THR A 256 13.01 27.65 -6.75
N LEU A 257 12.78 26.61 -7.55
CA LEU A 257 13.07 26.68 -8.98
C LEU A 257 12.48 27.92 -9.66
N THR A 258 11.23 28.25 -9.32
CA THR A 258 10.46 29.27 -10.01
C THR A 258 10.41 30.59 -9.23
N GLY A 259 10.94 30.68 -8.03
CA GLY A 259 10.90 31.92 -7.24
C GLY A 259 9.58 32.15 -6.49
N ALA A 260 8.73 31.11 -6.43
CA ALA A 260 7.43 31.21 -5.81
C ALA A 260 7.55 31.25 -4.32
N LYS A 261 6.43 31.49 -3.65
CA LYS A 261 6.43 31.43 -2.19
C LYS A 261 5.80 30.16 -1.66
N LEU A 262 6.53 29.47 -0.80
CA LEU A 262 6.04 28.24 -0.22
C LEU A 262 5.50 28.48 1.16
N VAL A 263 4.27 28.00 1.38
CA VAL A 263 3.67 28.08 2.70
C VAL A 263 3.69 26.70 3.27
N LEU A 264 4.45 26.53 4.34
CA LEU A 264 4.57 25.25 5.03
C LEU A 264 3.46 25.24 6.07
N ALA A 265 2.35 24.54 5.79
CA ALA A 265 1.23 24.47 6.72
C ALA A 265 1.38 23.30 7.68
N ASP A 270 -6.70 23.33 11.32
CA ASP A 270 -7.11 22.20 10.49
C ASP A 270 -8.58 22.29 10.03
N ILE A 271 -9.49 22.49 10.97
CA ILE A 271 -10.79 23.08 10.67
C ILE A 271 -10.65 24.41 9.95
N ALA A 272 -9.64 25.20 10.29
CA ALA A 272 -9.39 26.52 9.68
C ALA A 272 -8.76 26.50 8.26
N LEU A 273 -8.60 25.30 7.71
CA LEU A 273 -7.92 25.16 6.42
C LEU A 273 -8.39 26.17 5.38
N VAL A 274 -9.72 26.35 5.24
CA VAL A 274 -10.22 27.30 4.26
C VAL A 274 -9.71 28.70 4.55
N LYS A 275 -9.86 29.10 5.80
CA LYS A 275 -9.33 30.39 6.22
C LYS A 275 -7.80 30.51 5.98
N SER A 276 -7.05 29.47 6.31
CA SER A 276 -5.59 29.49 6.03
C SER A 276 -5.31 29.75 4.55
N LEU A 277 -6.00 29.00 3.68
CA LEU A 277 -5.80 29.07 2.27
C LEU A 277 -6.09 30.47 1.79
N ARG A 278 -7.25 30.99 2.18
CA ARG A 278 -7.68 32.32 1.73
C ARG A 278 -6.73 33.41 2.28
N GLU A 279 -6.41 33.32 3.56
CA GLU A 279 -5.54 34.32 4.19
C GLU A 279 -4.08 34.26 3.73
N SER A 280 -3.59 33.10 3.29
CA SER A 280 -2.23 33.04 2.69
C SER A 280 -2.24 33.52 1.24
N GLY A 281 -3.43 33.65 0.67
CA GLY A 281 -3.56 33.98 -0.77
C GLY A 281 -3.11 32.81 -1.61
N ALA A 282 -3.28 31.59 -1.14
CA ALA A 282 -2.73 30.41 -1.82
C ALA A 282 -3.19 30.31 -3.29
N THR A 283 -2.27 30.04 -4.22
CA THR A 283 -2.66 29.83 -5.60
C THR A 283 -2.55 28.36 -6.02
N MET A 284 -1.62 27.60 -5.42
CA MET A 284 -1.34 26.23 -5.84
C MET A 284 -1.40 25.35 -4.64
N MET A 285 -2.03 24.20 -4.77
CA MET A 285 -2.19 23.31 -3.62
C MET A 285 -2.07 21.88 -3.97
N PRO A 286 -1.03 21.20 -3.47
CA PRO A 286 -0.99 19.76 -3.68
C PRO A 286 -1.95 19.06 -2.79
N ILE A 287 -2.58 18.02 -3.32
CA ILE A 287 -3.56 17.35 -2.60
C ILE A 287 -3.34 15.88 -2.75
N VAL A 288 -4.01 15.22 -1.84
CA VAL A 288 -4.25 13.77 -1.90
C VAL A 288 -5.76 13.58 -1.75
N PRO A 289 -6.34 12.44 -2.13
CA PRO A 289 -7.81 12.41 -2.09
C PRO A 289 -8.45 12.70 -0.72
N SER A 290 -7.80 12.30 0.37
CA SER A 290 -8.39 12.48 1.66
C SER A 290 -8.34 13.96 2.08
N LEU A 291 -7.28 14.65 1.69
CA LEU A 291 -7.15 16.07 1.97
C LEU A 291 -8.15 16.85 1.12
N ALA A 292 -8.42 16.39 -0.11
CA ALA A 292 -9.35 17.09 -0.98
C ALA A 292 -10.83 16.90 -0.51
N SER A 293 -11.19 15.69 -0.06
CA SER A 293 -12.52 15.51 0.56
C SER A 293 -12.71 16.39 1.74
N MET A 294 -11.71 16.45 2.61
CA MET A 294 -11.79 17.28 3.80
C MET A 294 -12.03 18.73 3.42
N LEU A 295 -11.32 19.17 2.39
CA LEU A 295 -11.38 20.53 2.00
C LEU A 295 -12.78 20.86 1.43
N THR A 296 -13.39 19.95 0.66
CA THR A 296 -14.73 20.20 0.12
C THR A 296 -15.85 20.19 1.19
N THR A 297 -15.73 19.32 2.21
CA THR A 297 -16.57 19.37 3.41
C THR A 297 -16.44 20.73 4.08
N LEU A 298 -15.24 21.08 4.47
CA LEU A 298 -14.98 22.36 5.11
C LEU A 298 -15.50 23.56 4.30
N ILE A 299 -15.42 23.48 2.97
CA ILE A 299 -15.71 24.64 2.12
C ILE A 299 -17.19 25.07 2.14
N ARG A 300 -18.09 24.13 2.34
CA ARG A 300 -19.51 24.42 2.35
C ARG A 300 -19.90 25.24 3.58
N ARG A 301 -19.07 25.18 4.61
CA ARG A 301 -19.25 26.00 5.82
C ARG A 301 -18.71 27.45 5.68
N ASP A 302 -18.12 27.82 4.53
CA ASP A 302 -17.41 29.10 4.41
C ASP A 302 -17.66 29.76 3.03
N PRO A 303 -18.71 30.62 2.91
CA PRO A 303 -19.05 31.12 1.54
C PRO A 303 -18.06 32.17 0.95
N GLU A 304 -17.00 32.51 1.69
CA GLU A 304 -15.95 33.38 1.18
C GLU A 304 -14.99 32.59 0.37
N GLY A 305 -14.99 31.26 0.52
CA GLY A 305 -14.14 30.38 -0.29
C GLY A 305 -12.65 30.64 -0.16
N ALA A 306 -11.93 30.36 -1.23
CA ALA A 306 -10.54 30.68 -1.29
C ALA A 306 -10.29 30.94 -2.76
N PRO A 307 -10.81 32.09 -3.22
CA PRO A 307 -10.79 32.42 -4.62
C PRO A 307 -9.42 32.52 -5.29
N THR A 308 -8.37 32.71 -4.53
CA THR A 308 -7.05 32.87 -5.14
C THR A 308 -6.53 31.54 -5.70
N LEU A 309 -7.07 30.43 -5.22
CA LEU A 309 -6.72 29.09 -5.71
C LEU A 309 -6.94 28.86 -7.22
N ARG A 310 -5.86 28.48 -7.90
CA ARG A 310 -5.90 28.19 -9.32
C ARG A 310 -5.60 26.76 -9.72
N MET A 311 -5.06 25.96 -8.80
CA MET A 311 -4.70 24.58 -9.14
C MET A 311 -4.58 23.68 -7.95
N PHE A 312 -5.18 22.51 -8.09
CA PHE A 312 -4.98 21.43 -7.18
C PHE A 312 -4.25 20.32 -7.97
N THR A 313 -3.21 19.72 -7.39
CA THR A 313 -2.45 18.69 -8.07
C THR A 313 -2.46 17.48 -7.17
N ASN A 314 -3.13 16.43 -7.67
CA ASN A 314 -3.36 15.23 -6.93
C ASN A 314 -2.42 14.11 -7.39
N SER A 315 -1.80 13.44 -6.39
CA SER A 315 -1.12 12.20 -6.65
C SER A 315 -1.32 11.28 -5.46
N ALA A 316 -0.58 10.17 -5.46
CA ALA A 316 -0.54 9.23 -4.36
C ALA A 316 -1.70 8.25 -4.41
N ALA A 317 -2.90 8.68 -4.83
CA ALA A 317 -4.05 7.79 -4.89
C ALA A 317 -5.06 8.34 -5.81
N ALA A 318 -5.97 7.49 -6.23
CA ALA A 318 -6.92 7.80 -7.24
C ALA A 318 -7.93 8.85 -6.72
N LEU A 319 -8.15 9.93 -7.49
CA LEU A 319 -9.06 11.01 -7.03
C LEU A 319 -10.46 10.73 -7.57
N PRO A 320 -11.46 10.43 -6.70
CA PRO A 320 -12.78 10.08 -7.30
C PRO A 320 -13.46 11.28 -7.95
N GLN A 321 -14.31 10.97 -8.92
CA GLN A 321 -15.04 11.96 -9.67
C GLN A 321 -15.82 12.92 -8.78
N VAL A 322 -16.38 12.41 -7.69
CA VAL A 322 -17.30 13.22 -6.87
C VAL A 322 -16.45 14.30 -6.17
N THR A 323 -15.21 13.92 -5.81
CA THR A 323 -14.35 14.89 -5.22
C THR A 323 -13.95 15.90 -6.24
N ILE A 324 -13.66 15.44 -7.44
CA ILE A 324 -13.23 16.36 -8.49
C ILE A 324 -14.35 17.38 -8.68
N ASP A 325 -15.57 16.90 -8.84
CA ASP A 325 -16.72 17.76 -9.12
C ASP A 325 -16.91 18.79 -8.05
N ALA A 326 -16.84 18.35 -6.80
CA ALA A 326 -16.98 19.23 -5.66
C ALA A 326 -15.86 20.27 -5.53
N LEU A 327 -14.66 19.91 -5.95
CA LEU A 327 -13.55 20.87 -5.97
C LEU A 327 -13.81 21.97 -7.01
N ARG A 328 -14.26 21.55 -8.20
CA ARG A 328 -14.60 22.51 -9.25
C ARG A 328 -15.76 23.40 -8.85
N SER A 329 -16.76 22.84 -8.19
CA SER A 329 -17.91 23.61 -7.70
C SER A 329 -17.48 24.68 -6.66
N ALA A 330 -16.77 24.26 -5.63
CA ALA A 330 -16.26 25.23 -4.64
C ALA A 330 -15.18 26.18 -5.19
N PHE A 331 -14.36 25.73 -6.14
CA PHE A 331 -13.32 26.55 -6.73
C PHE A 331 -13.38 26.54 -8.27
N PRO A 332 -14.33 27.26 -8.86
CA PRO A 332 -14.50 27.17 -10.32
C PRO A 332 -13.31 27.76 -11.03
N GLY A 333 -12.54 28.62 -10.38
CA GLY A 333 -11.33 29.13 -11.00
C GLY A 333 -10.12 28.19 -10.98
N ALA A 334 -10.25 27.00 -10.43
CA ALA A 334 -9.06 26.18 -10.23
C ALA A 334 -9.11 24.98 -11.11
N GLN A 335 -7.96 24.59 -11.64
CA GLN A 335 -7.85 23.34 -12.35
C GLN A 335 -7.54 22.19 -11.38
N VAL A 336 -8.09 21.00 -11.63
CA VAL A 336 -7.88 19.84 -10.82
C VAL A 336 -7.11 18.84 -11.68
N VAL A 337 -5.86 18.60 -11.30
CA VAL A 337 -4.89 17.98 -12.18
C VAL A 337 -4.55 16.60 -11.58
N ARG A 338 -4.76 15.57 -12.35
CA ARG A 338 -4.45 14.23 -11.95
C ARG A 338 -2.99 13.89 -12.31
N MET A 339 -2.31 13.22 -11.37
CA MET A 339 -0.97 12.76 -11.53
C MET A 339 -0.86 11.39 -10.94
N TYR A 340 0.24 10.72 -11.25
CA TYR A 340 0.55 9.40 -10.71
C TYR A 340 2.07 9.32 -10.65
N GLY A 341 2.58 8.73 -9.57
CA GLY A 341 4.00 8.53 -9.42
C GLY A 341 4.39 7.48 -8.40
N GLN A 342 5.68 7.21 -8.39
CA GLN A 342 6.35 6.46 -7.33
C GLN A 342 7.57 7.19 -6.95
N THR A 343 7.96 7.05 -5.69
CA THR A 343 9.15 7.73 -5.18
C THR A 343 10.37 7.29 -6.01
N GLU A 344 10.39 6.02 -6.40
CA GLU A 344 11.44 5.44 -7.28
C GLU A 344 11.86 6.28 -8.47
N CYS A 345 10.93 7.08 -9.04
CA CYS A 345 11.32 8.06 -10.07
C CYS A 345 10.64 9.41 -9.87
N LYS A 346 10.31 9.73 -8.62
CA LYS A 346 9.49 10.90 -8.20
C LYS A 346 8.06 10.85 -8.75
N ARG A 347 7.92 10.95 -10.07
CA ARG A 347 6.61 11.00 -10.69
C ARG A 347 6.64 10.43 -12.07
N ILE A 348 5.49 9.92 -12.53
CA ILE A 348 5.44 9.15 -13.74
C ILE A 348 4.61 9.82 -14.85
N SER A 349 3.42 10.24 -14.53
CA SER A 349 2.54 10.89 -15.46
C SER A 349 1.88 12.10 -14.78
N ILE A 350 1.58 13.09 -15.61
CA ILE A 350 0.71 14.22 -15.30
C ILE A 350 -0.29 14.42 -16.45
N MET A 351 -1.55 14.61 -16.08
CA MET A 351 -2.57 15.09 -17.03
C MET A 351 -2.39 16.56 -17.21
N PRO A 352 -2.07 16.97 -18.43
CA PRO A 352 -1.98 18.40 -18.60
C PRO A 352 -3.22 19.16 -18.10
N PRO A 353 -3.02 20.22 -17.33
CA PRO A 353 -4.03 21.08 -16.83
C PRO A 353 -5.16 21.35 -17.86
N HIS A 354 -4.78 21.77 -19.10
CA HIS A 354 -5.76 22.16 -20.08
C HIS A 354 -6.62 20.98 -20.51
N LEU A 355 -6.17 19.75 -20.24
CA LEU A 355 -6.94 18.56 -20.51
C LEU A 355 -7.65 17.92 -19.32
N GLU A 356 -7.77 18.69 -18.22
CA GLU A 356 -8.31 18.19 -16.93
C GLU A 356 -9.71 17.52 -17.05
N HIS A 357 -10.54 18.01 -17.98
CA HIS A 357 -11.90 17.45 -18.27
C HIS A 357 -11.89 16.24 -19.20
N GLU A 358 -10.75 15.71 -19.64
CA GLU A 358 -10.78 14.65 -20.62
C GLU A 358 -10.17 13.40 -20.14
N ARG A 359 -10.47 12.35 -20.87
CA ARG A 359 -9.98 11.03 -20.61
C ARG A 359 -10.01 10.75 -19.10
N PRO A 360 -11.20 10.82 -18.51
CA PRO A 360 -11.39 10.75 -17.05
C PRO A 360 -10.73 9.54 -16.36
N ASP A 361 -10.47 8.47 -17.08
CA ASP A 361 -9.79 7.36 -16.44
C ASP A 361 -8.26 7.41 -16.51
N SER A 362 -7.72 8.41 -17.20
CA SER A 362 -6.26 8.44 -17.36
C SER A 362 -5.63 9.14 -16.18
N VAL A 363 -4.40 8.75 -15.91
CA VAL A 363 -3.53 9.55 -15.04
C VAL A 363 -2.50 10.37 -15.86
N GLY A 364 -2.79 10.56 -17.15
CA GLY A 364 -2.10 11.59 -17.96
C GLY A 364 -1.00 11.07 -18.86
N LEU A 365 -0.11 11.97 -19.26
CA LEU A 365 1.01 11.64 -20.13
C LEU A 365 2.31 11.51 -19.34
N PRO A 366 3.33 10.85 -19.92
CA PRO A 366 4.64 10.82 -19.32
C PRO A 366 5.17 12.20 -18.97
N LEU A 367 5.97 12.31 -17.93
CA LEU A 367 6.68 13.56 -17.70
C LEU A 367 7.44 13.90 -18.98
N PRO A 368 7.46 15.17 -19.40
CA PRO A 368 8.32 15.60 -20.49
C PRO A 368 9.79 15.12 -20.32
N GLY A 369 10.35 14.52 -21.36
CA GLY A 369 11.73 13.96 -21.32
C GLY A 369 11.83 12.55 -20.76
N THR A 370 10.72 11.84 -20.61
CA THR A 370 10.75 10.50 -20.03
C THR A 370 9.88 9.62 -20.92
N THR A 371 9.98 8.31 -20.80
CA THR A 371 9.16 7.38 -21.56
C THR A 371 8.45 6.39 -20.64
N ILE A 372 7.20 6.09 -20.95
CA ILE A 372 6.48 5.00 -20.33
C ILE A 372 6.36 3.87 -21.36
N GLU A 373 6.81 2.67 -21.04
CA GLU A 373 6.47 1.50 -21.88
C GLU A 373 5.75 0.43 -21.08
N ILE A 374 4.87 -0.26 -21.78
CA ILE A 374 4.08 -1.32 -21.24
C ILE A 374 4.72 -2.63 -21.74
N LEU A 375 4.97 -3.56 -20.82
CA LEU A 375 5.69 -4.81 -21.08
C LEU A 375 4.92 -6.01 -20.52
N THR A 380 9.10 -7.20 -23.23
CA THR A 380 8.50 -7.26 -24.56
C THR A 380 7.46 -6.19 -24.76
N LEU A 381 7.90 -5.07 -25.37
CA LEU A 381 7.04 -3.90 -25.65
C LEU A 381 5.70 -4.30 -26.25
N LEU A 382 4.59 -3.90 -25.64
CA LEU A 382 3.26 -4.24 -26.12
C LEU A 382 2.75 -3.13 -27.00
N PRO A 383 1.80 -3.46 -27.90
CA PRO A 383 1.11 -2.41 -28.65
C PRO A 383 0.16 -1.59 -27.79
N PRO A 384 -0.37 -0.47 -28.32
CA PRO A 384 -1.33 0.38 -27.62
C PRO A 384 -2.57 -0.38 -27.24
N GLY A 385 -3.20 -0.01 -26.13
CA GLY A 385 -4.42 -0.68 -25.63
C GLY A 385 -4.21 -2.05 -24.97
N GLU A 386 -3.03 -2.63 -25.11
CA GLU A 386 -2.76 -3.92 -24.46
C GLU A 386 -2.24 -3.71 -23.02
N PRO A 387 -2.99 -4.22 -22.00
CA PRO A 387 -2.49 -4.17 -20.61
C PRO A 387 -1.21 -4.95 -20.41
N GLY A 388 -0.43 -4.51 -19.44
CA GLY A 388 0.92 -4.98 -19.16
C GLY A 388 1.49 -4.17 -18.00
N GLU A 389 2.72 -4.47 -17.62
CA GLU A 389 3.36 -3.76 -16.52
C GLU A 389 3.85 -2.36 -16.94
N ILE A 390 3.59 -1.38 -16.09
CA ILE A 390 3.96 -0.01 -16.35
C ILE A 390 5.43 0.08 -16.04
N THR A 391 6.19 0.56 -17.00
CA THR A 391 7.63 0.66 -16.88
C THR A 391 8.03 2.06 -17.36
N VAL A 392 9.16 2.53 -16.86
CA VAL A 392 9.51 3.92 -16.95
C VAL A 392 10.99 4.03 -17.18
N THR A 393 11.33 4.86 -18.13
CA THR A 393 12.72 5.14 -18.46
C THR A 393 12.91 6.66 -18.48
N GLY A 394 14.04 7.18 -17.98
CA GLY A 394 14.35 8.60 -18.09
C GLY A 394 15.31 9.13 -17.04
N PRO A 395 15.65 10.42 -17.15
CA PRO A 395 16.55 11.12 -16.24
C PRO A 395 15.96 11.47 -14.87
N HIS A 396 14.77 10.98 -14.60
CA HIS A 396 14.12 11.01 -13.26
C HIS A 396 14.25 9.69 -12.48
N VAL A 397 14.54 8.60 -13.18
CA VAL A 397 14.64 7.31 -12.58
C VAL A 397 15.80 7.39 -11.58
N MET A 398 15.51 7.10 -10.31
CA MET A 398 16.45 7.39 -9.23
C MET A 398 17.50 6.28 -9.19
N ALA A 399 18.46 6.40 -8.28
CA ALA A 399 19.60 5.50 -8.25
C ALA A 399 19.37 4.26 -7.40
N GLY A 400 18.21 3.63 -7.47
CA GLY A 400 17.96 2.47 -6.65
C GLY A 400 17.63 2.76 -5.18
N TYR A 401 17.58 1.66 -4.41
CA TYR A 401 17.27 1.73 -3.00
C TYR A 401 18.58 1.70 -2.25
N TRP A 402 18.71 2.46 -1.19
CA TRP A 402 19.96 2.60 -0.43
C TRP A 402 20.42 1.27 0.17
N ARG A 403 21.57 0.78 -0.28
CA ARG A 403 22.21 -0.40 0.30
C ARG A 403 21.24 -1.56 0.31
N ALA A 404 20.71 -1.87 -0.87
CA ALA A 404 19.78 -2.98 -1.00
C ALA A 404 19.82 -3.46 -2.43
N PRO A 405 20.93 -4.09 -2.82
CA PRO A 405 21.14 -4.53 -4.21
C PRO A 405 20.05 -5.48 -4.67
N GLU A 406 19.56 -6.32 -3.76
CA GLU A 406 18.56 -7.34 -4.07
C GLU A 406 17.18 -6.76 -4.42
N ILE A 407 16.69 -5.85 -3.59
CA ILE A 407 15.43 -5.17 -3.87
C ILE A 407 15.56 -4.30 -5.13
N THR A 408 16.73 -3.70 -5.30
CA THR A 408 17.00 -2.76 -6.37
C THR A 408 16.95 -3.49 -7.69
N ALA A 409 17.60 -4.64 -7.73
CA ALA A 409 17.60 -5.54 -8.88
C ALA A 409 16.21 -5.82 -9.46
N ARG A 410 15.23 -6.12 -8.63
CA ARG A 410 13.91 -6.47 -9.16
C ARG A 410 13.14 -5.27 -9.77
N ALA A 411 13.29 -4.08 -9.17
CA ALA A 411 12.55 -2.88 -9.57
C ALA A 411 13.27 -2.07 -10.65
N TYR A 412 14.59 -2.03 -10.57
CA TYR A 412 15.38 -1.29 -11.54
C TYR A 412 16.01 -2.18 -12.63
N MET A 421 18.50 1.29 -15.03
CA MET A 421 18.06 2.28 -16.03
C MET A 421 16.61 2.12 -16.52
N ARG A 422 15.90 1.01 -16.23
CA ARG A 422 14.44 0.98 -16.40
C ARG A 422 13.75 0.57 -15.12
N LEU A 423 12.71 1.33 -14.77
CA LEU A 423 11.95 1.13 -13.54
C LEU A 423 10.72 0.34 -13.85
N HIS A 424 10.56 -0.80 -13.14
CA HIS A 424 9.33 -1.61 -13.21
C HIS A 424 8.51 -1.28 -11.97
N THR A 425 7.35 -0.71 -12.21
CA THR A 425 6.56 -0.17 -11.14
C THR A 425 5.85 -1.24 -10.38
N GLY A 426 5.64 -2.39 -11.01
CA GLY A 426 4.75 -3.39 -10.47
C GLY A 426 3.32 -2.95 -10.47
N ASP A 427 2.98 -1.84 -11.16
CA ASP A 427 1.58 -1.51 -11.45
C ASP A 427 1.27 -1.93 -12.88
N TYR A 428 -0.01 -2.21 -13.16
CA TYR A 428 -0.39 -2.71 -14.47
C TYR A 428 -1.37 -1.76 -15.13
N GLY A 429 -1.21 -1.59 -16.42
CA GLY A 429 -2.25 -0.92 -17.22
C GLY A 429 -1.84 -0.80 -18.69
N HIS A 430 -2.38 0.22 -19.35
CA HIS A 430 -2.08 0.40 -20.78
C HIS A 430 -2.00 1.87 -21.22
N LEU A 431 -1.43 2.05 -22.41
CA LEU A 431 -1.40 3.35 -23.07
C LEU A 431 -2.45 3.38 -24.15
N ASP A 432 -3.26 4.44 -24.19
CA ASP A 432 -4.21 4.57 -25.32
C ASP A 432 -3.44 4.94 -26.58
N GLU A 433 -4.16 5.15 -27.69
CA GLU A 433 -3.52 5.47 -29.01
C GLU A 433 -2.52 6.64 -28.95
N ASP A 434 -2.84 7.62 -28.10
CA ASP A 434 -2.17 8.91 -28.01
C ASP A 434 -1.00 9.03 -27.04
N GLY A 435 -0.74 7.97 -26.25
CA GLY A 435 0.37 7.96 -25.25
C GLY A 435 -0.04 8.18 -23.78
N PHE A 436 -1.33 8.27 -23.58
CA PHE A 436 -1.96 8.52 -22.29
C PHE A 436 -2.03 7.23 -21.50
N LEU A 437 -1.84 7.32 -20.19
CA LEU A 437 -1.75 6.13 -19.35
C LEU A 437 -3.03 5.86 -18.60
N TYR A 438 -3.32 4.56 -18.45
CA TYR A 438 -4.50 4.02 -17.73
C TYR A 438 -4.11 2.81 -16.88
N PHE A 439 -4.74 2.62 -15.72
CA PHE A 439 -4.61 1.38 -14.93
C PHE A 439 -5.55 0.28 -15.38
N GLY A 440 -5.14 -1.00 -15.30
CA GLY A 440 -6.03 -2.08 -15.76
C GLY A 440 -6.26 -2.07 -17.27
N GLY A 441 -7.49 -2.37 -17.72
CA GLY A 441 -7.84 -2.54 -19.15
C GLY A 441 -8.98 -1.65 -19.64
N ASP B 40 -0.72 0.62 -0.67
CA ASP B 40 -1.10 -0.83 -0.75
C ASP B 40 -2.45 -1.20 -0.18
N LEU B 41 -2.83 -0.59 0.94
CA LEU B 41 -4.05 -0.99 1.65
C LEU B 41 -5.24 -0.67 0.78
N ARG B 42 -6.19 -1.60 0.62
CA ARG B 42 -7.40 -1.38 -0.17
C ARG B 42 -8.62 -1.19 0.72
N TYR B 43 -9.28 -0.06 0.54
CA TYR B 43 -10.44 0.29 1.32
C TYR B 43 -11.64 0.23 0.40
N GLY B 44 -12.80 -0.19 0.91
CA GLY B 44 -14.00 -0.20 0.11
C GLY B 44 -14.00 -1.14 -1.06
N GLY B 45 -13.19 -2.20 -1.05
CA GLY B 45 -13.13 -3.06 -2.25
C GLY B 45 -14.20 -4.12 -2.37
N LEU B 46 -14.32 -4.66 -3.57
CA LEU B 46 -15.10 -5.85 -3.90
C LEU B 46 -14.17 -7.03 -4.23
N VAL B 47 -14.46 -8.19 -3.68
CA VAL B 47 -13.64 -9.39 -3.85
C VAL B 47 -13.36 -9.74 -5.31
N HIS B 48 -14.44 -9.90 -6.10
CA HIS B 48 -14.33 -10.24 -7.53
C HIS B 48 -13.60 -9.22 -8.34
N ASP B 49 -13.49 -7.99 -7.87
CA ASP B 49 -12.63 -7.05 -8.54
C ASP B 49 -11.15 -7.45 -8.54
N LEU B 50 -10.71 -8.13 -7.49
CA LEU B 50 -9.35 -8.63 -7.47
C LEU B 50 -9.14 -9.48 -8.71
N LEU B 51 -10.10 -10.35 -9.01
CA LEU B 51 -9.99 -11.29 -10.10
C LEU B 51 -10.10 -10.59 -11.45
N ALA B 52 -11.01 -9.62 -11.55
CA ALA B 52 -11.19 -8.88 -12.83
C ALA B 52 -9.87 -8.18 -13.14
N ASP B 53 -9.24 -7.59 -12.14
CA ASP B 53 -8.01 -6.87 -12.40
C ASP B 53 -6.92 -7.78 -12.88
N SER B 54 -6.72 -8.89 -12.16
CA SER B 54 -5.66 -9.82 -12.57
C SER B 54 -5.98 -10.50 -13.89
N GLY B 55 -7.26 -10.79 -14.13
CA GLY B 55 -7.67 -11.35 -15.42
C GLY B 55 -7.35 -10.47 -16.62
N LYS B 56 -7.49 -9.14 -16.45
CA LYS B 56 -7.07 -8.17 -17.47
C LYS B 56 -5.60 -7.89 -17.45
N ALA B 57 -5.00 -7.86 -16.27
CA ALA B 57 -3.59 -7.41 -16.16
C ALA B 57 -2.64 -8.46 -16.66
N THR B 58 -2.89 -9.72 -16.25
CA THR B 58 -2.02 -10.86 -16.58
C THR B 58 -2.85 -12.08 -17.03
N PRO B 59 -3.64 -11.94 -18.10
CA PRO B 59 -4.58 -13.02 -18.40
C PRO B 59 -3.92 -14.37 -18.65
N ASN B 60 -2.72 -14.31 -19.19
CA ASN B 60 -2.03 -15.52 -19.57
C ASN B 60 -1.15 -16.13 -18.46
N SER B 61 -0.99 -15.48 -17.29
CA SER B 61 -0.25 -16.15 -16.18
C SER B 61 -1.07 -17.18 -15.47
N ASP B 62 -0.39 -18.18 -14.93
CA ASP B 62 -1.00 -19.25 -14.15
C ASP B 62 -1.56 -18.77 -12.82
N ALA B 63 -2.83 -19.08 -12.58
CA ALA B 63 -3.50 -18.62 -11.40
C ALA B 63 -3.74 -19.75 -10.40
N MET B 64 -4.18 -20.90 -10.88
CA MET B 64 -4.65 -21.96 -9.96
C MET B 64 -4.17 -23.28 -10.52
N GLU B 65 -3.43 -24.05 -9.73
CA GLU B 65 -3.19 -25.44 -10.10
C GLU B 65 -3.76 -26.38 -9.03
N ASP B 66 -4.35 -27.48 -9.47
CA ASP B 66 -4.80 -28.53 -8.57
C ASP B 66 -4.31 -29.88 -9.11
N ALA B 67 -4.76 -30.99 -8.51
CA ALA B 67 -4.31 -32.33 -8.92
C ALA B 67 -4.60 -32.64 -10.39
N PHE B 68 -5.53 -31.92 -11.01
CA PHE B 68 -6.06 -32.25 -12.32
C PHE B 68 -5.67 -31.32 -13.46
N GLY B 69 -5.17 -30.13 -13.15
CA GLY B 69 -4.79 -29.21 -14.20
C GLY B 69 -4.53 -27.83 -13.65
N THR B 70 -4.32 -26.90 -14.55
CA THR B 70 -4.00 -25.53 -14.24
C THR B 70 -4.83 -24.55 -15.06
N TRP B 71 -5.27 -23.46 -14.44
CA TRP B 71 -5.99 -22.40 -15.13
C TRP B 71 -5.11 -21.16 -15.08
N THR B 72 -5.07 -20.42 -16.18
CA THR B 72 -4.56 -19.08 -16.21
C THR B 72 -5.62 -18.15 -15.58
N TYR B 73 -5.29 -16.88 -15.43
CA TYR B 73 -6.19 -15.90 -14.88
C TYR B 73 -7.35 -15.66 -15.79
N GLN B 74 -7.11 -15.68 -17.09
CA GLN B 74 -8.22 -15.62 -18.11
C GLN B 74 -9.21 -16.73 -17.90
N GLU B 75 -8.72 -17.96 -17.89
CA GLU B 75 -9.53 -19.14 -17.64
C GLU B 75 -10.30 -19.03 -16.33
N LEU B 76 -9.65 -18.58 -15.26
CA LEU B 76 -10.37 -18.48 -13.96
C LEU B 76 -11.46 -17.41 -14.07
N LEU B 77 -11.16 -16.30 -14.75
CA LEU B 77 -12.15 -15.25 -14.98
C LEU B 77 -13.33 -15.78 -15.82
N ASN B 78 -13.01 -16.52 -16.86
CA ASN B 78 -14.06 -17.08 -17.73
C ASN B 78 -14.97 -18.04 -16.98
N HIS B 79 -14.34 -18.96 -16.26
CA HIS B 79 -15.16 -19.96 -15.55
C HIS B 79 -15.98 -19.27 -14.46
N SER B 80 -15.41 -18.27 -13.82
CA SER B 80 -16.10 -17.57 -12.73
C SER B 80 -17.38 -16.85 -13.27
N GLN B 81 -17.21 -16.21 -14.40
CA GLN B 81 -18.31 -15.60 -15.14
C GLN B 81 -19.37 -16.61 -15.49
N ALA B 82 -18.96 -17.67 -16.13
CA ALA B 82 -19.86 -18.78 -16.48
C ALA B 82 -20.65 -19.26 -15.26
N PHE B 83 -19.94 -19.43 -14.12
CA PHE B 83 -20.67 -19.86 -12.92
C PHE B 83 -21.64 -18.82 -12.47
N SER B 84 -21.28 -17.54 -12.58
CA SER B 84 -22.21 -16.46 -12.25
C SER B 84 -23.53 -16.61 -13.08
N ALA B 85 -23.38 -16.90 -14.37
CA ALA B 85 -24.54 -17.10 -15.24
C ALA B 85 -25.32 -18.34 -14.76
N TRP B 86 -24.61 -19.38 -14.29
CA TRP B 86 -25.29 -20.58 -13.79
C TRP B 86 -26.16 -20.20 -12.61
N LEU B 87 -25.66 -19.30 -11.75
CA LEU B 87 -26.48 -18.83 -10.63
C LEU B 87 -27.70 -18.03 -11.17
N ASP B 88 -27.47 -17.09 -12.06
CA ASP B 88 -28.56 -16.32 -12.71
C ASP B 88 -29.60 -17.34 -13.25
N GLY B 89 -29.11 -18.32 -14.02
CA GLY B 89 -29.91 -19.43 -14.55
C GLY B 89 -30.81 -20.15 -13.54
N LYS B 90 -30.32 -20.31 -12.32
CA LYS B 90 -31.02 -20.93 -11.26
C LYS B 90 -31.83 -19.92 -10.47
N GLY B 91 -31.74 -18.65 -10.82
CA GLY B 91 -32.42 -17.61 -10.06
C GLY B 91 -31.90 -17.37 -8.64
N VAL B 92 -30.62 -17.66 -8.37
CA VAL B 92 -30.06 -17.33 -7.06
C VAL B 92 -29.77 -15.85 -7.02
N ALA B 93 -30.33 -15.15 -6.05
CA ALA B 93 -30.26 -13.71 -6.02
C ALA B 93 -29.21 -13.18 -5.07
N ARG B 94 -28.93 -11.90 -5.27
CA ARG B 94 -28.09 -11.10 -4.40
C ARG B 94 -28.49 -11.34 -2.96
N GLY B 95 -27.52 -11.53 -2.07
CA GLY B 95 -27.77 -11.71 -0.69
C GLY B 95 -28.04 -13.14 -0.28
N GLU B 96 -28.43 -13.99 -1.21
CA GLU B 96 -28.69 -15.39 -0.82
C GLU B 96 -27.39 -16.14 -0.66
N ARG B 97 -27.44 -17.26 0.07
CA ARG B 97 -26.29 -18.10 0.35
C ARG B 97 -26.35 -19.35 -0.57
N ILE B 98 -25.16 -19.82 -0.96
CA ILE B 98 -24.98 -21.15 -1.46
C ILE B 98 -23.98 -21.78 -0.52
N VAL B 99 -24.24 -23.02 -0.15
CA VAL B 99 -23.29 -23.83 0.64
C VAL B 99 -22.57 -24.76 -0.33
N VAL B 100 -21.26 -24.79 -0.20
CA VAL B 100 -20.42 -25.42 -1.13
C VAL B 100 -19.45 -26.29 -0.35
N GLN B 101 -19.62 -27.62 -0.45
CA GLN B 101 -18.74 -28.54 0.21
C GLN B 101 -17.86 -29.25 -0.78
N LEU B 102 -16.73 -28.66 -1.06
CA LEU B 102 -15.80 -29.14 -2.08
C LEU B 102 -14.38 -29.21 -1.58
N PRO B 103 -13.59 -30.10 -2.17
CA PRO B 103 -12.17 -30.12 -1.88
C PRO B 103 -11.51 -28.92 -2.54
N ASN B 104 -10.19 -28.84 -2.41
CA ASN B 104 -9.38 -27.81 -3.02
C ASN B 104 -9.15 -28.06 -4.49
N ILE B 105 -10.11 -27.66 -5.30
CA ILE B 105 -10.00 -27.83 -6.73
C ILE B 105 -10.34 -26.52 -7.39
N ARG B 106 -9.89 -26.38 -8.63
CA ARG B 106 -10.11 -25.17 -9.40
C ARG B 106 -11.59 -24.70 -9.41
N GLN B 107 -12.52 -25.62 -9.57
CA GLN B 107 -13.93 -25.28 -9.65
C GLN B 107 -14.41 -24.52 -8.42
N THR B 108 -13.82 -24.81 -7.24
CA THR B 108 -14.25 -24.17 -6.04
C THR B 108 -13.91 -22.69 -6.08
N VAL B 109 -12.77 -22.39 -6.69
CA VAL B 109 -12.37 -21.01 -6.72
C VAL B 109 -13.30 -20.24 -7.70
N ALA B 110 -13.73 -20.91 -8.75
CA ALA B 110 -14.59 -20.29 -9.77
C ALA B 110 -16.00 -20.10 -9.15
N VAL B 111 -16.39 -21.02 -8.27
CA VAL B 111 -17.65 -20.89 -7.57
C VAL B 111 -17.61 -19.70 -6.59
N PHE B 112 -16.51 -19.55 -5.86
CA PHE B 112 -16.31 -18.44 -4.98
C PHE B 112 -16.43 -17.10 -5.71
N TYR B 113 -15.61 -16.91 -6.72
CA TYR B 113 -15.59 -15.65 -7.47
C TYR B 113 -16.94 -15.36 -8.23
N GLY B 114 -17.51 -16.37 -8.84
CA GLY B 114 -18.74 -16.23 -9.60
C GLY B 114 -19.89 -15.84 -8.70
N ALA B 115 -19.90 -16.41 -7.46
CA ALA B 115 -20.86 -16.02 -6.44
C ALA B 115 -20.66 -14.57 -6.01
N CYS B 116 -19.43 -14.21 -5.70
CA CYS B 116 -19.09 -12.82 -5.39
C CYS B 116 -19.59 -11.83 -6.45
N ARG B 117 -19.35 -12.15 -7.73
CA ARG B 117 -19.74 -11.30 -8.85
C ARG B 117 -21.29 -11.03 -8.92
N ARG B 118 -22.08 -11.79 -8.17
CA ARG B 118 -23.52 -11.65 -8.13
C ARG B 118 -24.01 -11.30 -6.76
N GLY B 119 -23.09 -10.97 -5.85
CA GLY B 119 -23.46 -10.64 -4.49
C GLY B 119 -24.04 -11.79 -3.73
N VAL B 120 -23.85 -12.99 -4.25
CA VAL B 120 -24.30 -14.22 -3.61
C VAL B 120 -23.22 -14.67 -2.58
N VAL B 121 -23.70 -15.19 -1.47
CA VAL B 121 -22.85 -15.41 -0.29
C VAL B 121 -22.26 -16.84 -0.33
N PHE B 122 -20.95 -16.91 -0.44
CA PHE B 122 -20.25 -18.19 -0.52
C PHE B 122 -20.16 -18.75 0.93
N VAL B 123 -20.63 -19.99 1.16
CA VAL B 123 -20.57 -20.64 2.47
C VAL B 123 -19.78 -21.95 2.29
N PRO B 124 -18.45 -21.87 2.37
CA PRO B 124 -17.68 -23.07 2.12
C PRO B 124 -17.60 -23.94 3.34
N LEU B 125 -17.84 -25.24 3.14
CA LEU B 125 -17.71 -26.23 4.18
C LEU B 125 -16.70 -27.32 3.83
N ASN B 126 -16.07 -27.87 4.84
CA ASN B 126 -15.08 -28.91 4.69
C ASN B 126 -15.72 -30.25 4.32
N PRO B 127 -15.17 -30.93 3.31
CA PRO B 127 -15.65 -32.27 2.97
C PRO B 127 -15.70 -33.30 4.16
N GLY B 128 -15.00 -33.10 5.25
CA GLY B 128 -15.08 -34.18 6.25
C GLY B 128 -16.37 -34.35 7.08
N MET B 129 -17.30 -33.42 7.00
CA MET B 129 -18.21 -33.24 8.10
C MET B 129 -19.16 -34.38 8.35
N LYS B 130 -19.40 -34.65 9.63
CA LYS B 130 -20.39 -35.61 10.02
C LYS B 130 -21.78 -35.12 9.60
N PRO B 131 -22.70 -36.04 9.24
CA PRO B 131 -23.99 -35.59 8.77
C PRO B 131 -24.76 -34.68 9.71
N PHE B 132 -24.92 -35.03 11.00
CA PHE B 132 -25.65 -34.15 11.94
C PHE B 132 -25.02 -32.74 11.99
N HIS B 133 -23.71 -32.69 11.86
CA HIS B 133 -22.99 -31.45 11.88
C HIS B 133 -23.43 -30.59 10.65
N LEU B 134 -23.39 -31.18 9.47
CA LEU B 134 -23.89 -30.53 8.22
C LEU B 134 -25.31 -30.10 8.37
N ARG B 135 -26.16 -30.95 8.95
CA ARG B 135 -27.55 -30.54 9.09
C ARG B 135 -27.62 -29.21 9.82
N SER B 136 -26.92 -29.14 10.94
CA SER B 136 -26.98 -27.98 11.83
C SER B 136 -26.49 -26.72 11.14
N VAL B 137 -25.37 -26.85 10.44
CA VAL B 137 -24.73 -25.71 9.79
C VAL B 137 -25.53 -25.26 8.52
N ILE B 138 -26.03 -26.21 7.73
CA ILE B 138 -26.79 -25.88 6.53
C ILE B 138 -28.03 -25.12 6.93
N ALA B 139 -28.75 -25.64 7.91
CA ALA B 139 -29.94 -24.96 8.40
C ALA B 139 -29.54 -23.55 8.88
N ASP B 140 -28.46 -23.39 9.65
CA ASP B 140 -28.09 -22.04 10.16
C ASP B 140 -27.83 -21.06 9.00
N ALA B 141 -27.10 -21.56 8.00
CA ALA B 141 -26.73 -20.75 6.85
C ALA B 141 -27.94 -20.40 5.99
N ASP B 142 -28.92 -21.29 5.95
CA ASP B 142 -30.17 -20.99 5.27
C ASP B 142 -29.95 -20.69 3.80
N PRO B 143 -29.32 -21.63 3.06
CA PRO B 143 -28.98 -21.36 1.70
C PRO B 143 -30.08 -21.62 0.70
N ARG B 144 -29.87 -21.19 -0.52
CA ARG B 144 -30.72 -21.53 -1.67
C ARG B 144 -30.47 -22.93 -2.17
N LEU B 145 -29.22 -23.33 -2.13
CA LEU B 145 -28.84 -24.64 -2.67
C LEU B 145 -27.50 -25.01 -2.11
N VAL B 146 -27.14 -26.27 -2.37
CA VAL B 146 -25.96 -26.86 -1.84
C VAL B 146 -25.22 -27.54 -2.98
N ILE B 147 -23.92 -27.38 -3.01
CA ILE B 147 -23.01 -27.95 -4.07
C ILE B 147 -22.09 -28.97 -3.38
N ALA B 148 -22.05 -30.20 -3.90
CA ALA B 148 -21.34 -31.29 -3.30
C ALA B 148 -20.27 -31.79 -4.21
N GLU B 149 -19.44 -32.65 -3.65
CA GLU B 149 -18.23 -33.02 -4.27
C GLU B 149 -18.42 -34.01 -5.40
N ASP B 150 -19.42 -34.87 -5.24
CA ASP B 150 -19.70 -35.95 -6.17
C ASP B 150 -21.02 -36.54 -5.79
N GLU B 151 -21.44 -37.57 -6.52
CA GLU B 151 -22.80 -38.09 -6.36
C GLU B 151 -23.02 -38.78 -5.02
N THR B 152 -21.99 -39.45 -4.48
CA THR B 152 -22.12 -40.08 -3.16
C THR B 152 -22.36 -39.00 -2.11
N ALA B 153 -21.48 -37.99 -2.12
CA ALA B 153 -21.60 -36.88 -1.21
C ALA B 153 -22.91 -36.14 -1.36
N ALA B 154 -23.38 -35.95 -2.60
CA ALA B 154 -24.66 -35.28 -2.85
C ALA B 154 -25.79 -36.05 -2.18
N ASP B 155 -25.77 -37.38 -2.26
CA ASP B 155 -26.78 -38.21 -1.58
C ASP B 155 -26.74 -38.10 -0.07
N ARG B 156 -25.54 -38.17 0.49
CA ARG B 156 -25.41 -37.94 1.93
C ARG B 156 -26.04 -36.58 2.29
N LEU B 157 -25.77 -35.55 1.48
CA LEU B 157 -26.30 -34.21 1.77
C LEU B 157 -27.81 -34.15 1.68
N ARG B 158 -28.38 -34.87 0.72
CA ARG B 158 -29.81 -34.98 0.59
C ARG B 158 -30.48 -35.62 1.82
N ASP B 159 -29.80 -36.51 2.51
CA ASP B 159 -30.30 -37.00 3.84
C ASP B 159 -30.48 -35.86 4.88
N VAL B 160 -29.74 -34.78 4.72
CA VAL B 160 -29.56 -33.83 5.80
C VAL B 160 -30.12 -32.39 5.51
N THR B 161 -30.76 -32.26 4.35
CA THR B 161 -31.44 -31.01 3.92
C THR B 161 -32.49 -31.30 2.85
N ASP B 162 -33.52 -30.47 2.83
CA ASP B 162 -34.53 -30.54 1.80
C ASP B 162 -34.18 -29.62 0.63
N LEU B 163 -33.10 -28.84 0.73
CA LEU B 163 -32.68 -27.96 -0.35
C LEU B 163 -32.10 -28.75 -1.50
N PRO B 164 -32.20 -28.22 -2.74
CA PRO B 164 -31.62 -28.77 -3.95
C PRO B 164 -30.12 -28.94 -3.75
N VAL B 165 -29.61 -30.12 -4.08
CA VAL B 165 -28.20 -30.45 -3.93
C VAL B 165 -27.62 -30.85 -5.24
N TYR B 166 -26.55 -30.16 -5.67
CA TYR B 166 -25.93 -30.41 -6.97
C TYR B 166 -24.52 -30.93 -6.81
N SER B 167 -24.22 -32.01 -7.51
CA SER B 167 -22.85 -32.47 -7.68
C SER B 167 -22.07 -31.51 -8.56
N ILE B 168 -20.81 -31.26 -8.22
CA ILE B 168 -20.00 -30.34 -9.00
C ILE B 168 -19.78 -30.81 -10.45
N ASP B 169 -19.61 -32.10 -10.66
CA ASP B 169 -19.36 -32.60 -12.00
C ASP B 169 -20.58 -32.43 -12.91
N SER B 170 -21.79 -32.61 -12.41
CA SER B 170 -22.90 -32.44 -13.31
C SER B 170 -23.16 -30.96 -13.52
N LEU B 171 -23.06 -30.13 -12.48
CA LEU B 171 -23.34 -28.73 -12.69
C LEU B 171 -22.29 -28.11 -13.62
N TRP B 172 -21.08 -28.66 -13.56
CA TRP B 172 -20.03 -28.12 -14.35
C TRP B 172 -20.22 -28.32 -15.87
N ALA B 173 -20.96 -29.33 -16.29
CA ALA B 173 -21.16 -29.52 -17.72
C ALA B 173 -21.92 -28.29 -18.25
N ASP B 174 -22.85 -27.79 -17.46
CA ASP B 174 -23.60 -26.59 -17.81
C ASP B 174 -22.75 -25.33 -17.74
N VAL B 175 -21.86 -25.25 -16.76
CA VAL B 175 -20.95 -24.12 -16.62
C VAL B 175 -20.13 -24.00 -17.89
N GLU B 176 -19.63 -25.12 -18.39
CA GLU B 176 -18.78 -25.13 -19.59
C GLU B 176 -19.61 -24.67 -20.81
N ARG B 177 -20.87 -25.10 -20.89
CA ARG B 177 -21.75 -24.62 -21.97
C ARG B 177 -21.82 -23.10 -21.88
N LEU B 178 -22.09 -22.60 -20.67
CA LEU B 178 -22.26 -21.16 -20.45
C LEU B 178 -20.99 -20.41 -20.78
N ARG B 179 -19.85 -20.99 -20.36
CA ARG B 179 -18.53 -20.43 -20.65
C ARG B 179 -18.34 -20.29 -22.18
N ASP B 180 -18.72 -21.34 -22.89
CA ASP B 180 -18.59 -21.36 -24.35
C ASP B 180 -19.49 -20.34 -25.03
N ALA B 181 -20.71 -20.16 -24.52
CA ALA B 181 -21.59 -19.12 -25.02
C ALA B 181 -21.14 -17.71 -24.64
N GLY B 182 -20.08 -17.57 -23.85
CA GLY B 182 -19.69 -16.28 -23.30
C GLY B 182 -20.67 -15.66 -22.28
N ALA B 183 -21.40 -16.49 -21.54
CA ALA B 183 -22.37 -15.97 -20.59
C ALA B 183 -21.77 -15.44 -19.28
N GLY B 184 -22.43 -14.43 -18.73
CA GLY B 184 -22.19 -13.97 -17.39
C GLY B 184 -21.12 -12.91 -17.29
N ALA B 185 -20.63 -12.46 -18.45
CA ALA B 185 -19.62 -11.42 -18.52
C ALA B 185 -20.07 -10.10 -17.91
N GLU B 186 -21.38 -9.88 -17.78
CA GLU B 186 -21.85 -8.62 -17.27
C GLU B 186 -21.76 -8.56 -15.72
N ALA B 187 -21.58 -7.35 -15.24
CA ALA B 187 -21.58 -6.99 -13.86
C ALA B 187 -22.98 -6.78 -13.39
N VAL B 188 -23.11 -6.77 -12.07
CA VAL B 188 -24.37 -6.52 -11.45
C VAL B 188 -23.95 -5.68 -10.26
N GLU B 189 -24.91 -5.04 -9.62
CA GLU B 189 -24.54 -4.17 -8.54
C GLU B 189 -24.27 -4.96 -7.26
N VAL B 190 -23.11 -4.71 -6.70
CA VAL B 190 -22.68 -5.32 -5.45
C VAL B 190 -22.03 -4.24 -4.60
N SER B 191 -22.51 -4.11 -3.39
CA SER B 191 -21.97 -3.12 -2.51
C SER B 191 -20.77 -3.70 -1.76
N PRO B 192 -19.75 -2.86 -1.48
CA PRO B 192 -18.66 -3.25 -0.59
C PRO B 192 -19.15 -3.67 0.77
N GLU B 193 -20.34 -3.19 1.18
CA GLU B 193 -20.91 -3.62 2.45
C GLU B 193 -21.68 -4.93 2.40
N ASP B 194 -21.88 -5.50 1.23
CA ASP B 194 -22.56 -6.81 1.11
C ASP B 194 -21.68 -7.96 1.59
N LEU B 195 -22.33 -8.99 2.17
CA LEU B 195 -21.65 -10.18 2.61
C LEU B 195 -21.11 -10.97 1.41
N ALA B 196 -19.84 -11.31 1.51
CA ALA B 196 -19.19 -12.17 0.50
C ALA B 196 -19.14 -13.63 1.01
N VAL B 197 -18.89 -13.82 2.29
CA VAL B 197 -18.74 -15.17 2.80
C VAL B 197 -19.14 -15.31 4.24
N LEU B 198 -19.73 -16.46 4.54
CA LEU B 198 -19.86 -16.91 5.90
C LEU B 198 -18.83 -17.99 6.15
N ILE B 199 -18.07 -17.84 7.22
CA ILE B 199 -16.99 -18.78 7.54
C ILE B 199 -17.42 -19.41 8.84
N TYR B 200 -17.80 -20.68 8.78
CA TYR B 200 -18.19 -21.42 9.98
C TYR B 200 -16.93 -21.83 10.77
N THR B 201 -16.92 -21.55 12.07
CA THR B 201 -15.77 -21.92 12.92
C THR B 201 -16.10 -22.99 13.97
N SER B 202 -17.37 -23.31 14.07
CA SER B 202 -17.87 -24.13 15.12
C SER B 202 -17.61 -25.59 14.82
N GLY B 203 -17.11 -26.34 15.80
CA GLY B 203 -17.01 -27.76 15.64
C GLY B 203 -18.35 -28.50 15.72
N SER B 204 -18.26 -29.80 15.45
CA SER B 204 -19.38 -30.70 15.51
C SER B 204 -20.05 -30.75 16.90
N THR B 205 -19.37 -30.51 18.01
CA THR B 205 -20.02 -30.49 19.35
C THR B 205 -20.50 -29.09 19.82
N ALA B 206 -20.43 -28.13 18.94
CA ALA B 206 -20.79 -26.76 19.24
C ALA B 206 -21.98 -26.34 18.39
N ALA B 207 -22.64 -25.28 18.89
CA ALA B 207 -23.75 -24.68 18.23
C ALA B 207 -23.18 -24.01 17.01
N PRO B 208 -23.99 -23.88 15.93
CA PRO B 208 -23.44 -23.42 14.69
C PRO B 208 -23.07 -21.95 14.81
N LYS B 209 -21.96 -21.56 14.18
CA LYS B 209 -21.51 -20.22 14.34
C LYS B 209 -20.59 -19.89 13.23
N ALA B 210 -20.90 -18.78 12.53
CA ALA B 210 -20.17 -18.35 11.37
C ALA B 210 -19.85 -16.89 11.50
N VAL B 211 -18.68 -16.50 11.01
CA VAL B 211 -18.35 -15.10 10.97
C VAL B 211 -18.86 -14.60 9.65
N ALA B 212 -19.52 -13.44 9.67
CA ALA B 212 -20.20 -12.90 8.49
C ALA B 212 -19.27 -11.90 7.90
N CYS B 213 -18.75 -12.17 6.71
CA CYS B 213 -17.68 -11.39 6.10
C CYS B 213 -18.12 -10.60 4.87
N PRO B 214 -18.18 -9.24 4.98
CA PRO B 214 -18.44 -8.34 3.84
C PRO B 214 -17.28 -8.18 2.95
N HIS B 215 -17.56 -7.92 1.67
CA HIS B 215 -16.55 -7.65 0.69
C HIS B 215 -15.37 -6.77 1.14
N GLN B 216 -15.68 -5.57 1.62
CA GLN B 216 -14.68 -4.55 1.97
C GLN B 216 -13.61 -5.06 2.94
N GLN B 217 -14.06 -5.59 4.07
CA GLN B 217 -13.18 -6.20 5.07
C GLN B 217 -12.25 -7.26 4.50
N ILE B 218 -12.80 -8.12 3.67
CA ILE B 218 -12.02 -9.20 3.10
C ILE B 218 -10.92 -8.62 2.29
N VAL B 219 -11.28 -7.74 1.37
CA VAL B 219 -10.29 -7.16 0.47
C VAL B 219 -9.24 -6.38 1.29
N PHE B 220 -9.69 -5.61 2.26
CA PHE B 220 -8.78 -4.89 3.11
C PHE B 220 -7.81 -5.85 3.84
N ALA B 221 -8.34 -6.87 4.51
CA ALA B 221 -7.47 -7.76 5.25
C ALA B 221 -6.46 -8.46 4.33
N ALA B 222 -6.85 -8.84 3.11
CA ALA B 222 -5.92 -9.47 2.23
C ALA B 222 -4.76 -8.52 1.93
N SER B 223 -5.11 -7.27 1.66
CA SER B 223 -4.14 -6.29 1.22
C SER B 223 -3.15 -5.99 2.38
N SER B 224 -3.68 -5.91 3.59
CA SER B 224 -2.92 -5.58 4.75
C SER B 224 -1.97 -6.71 5.09
N ILE B 225 -2.45 -7.93 5.02
CA ILE B 225 -1.56 -9.10 5.23
C ILE B 225 -0.42 -9.08 4.23
N ASN B 226 -0.80 -8.87 2.98
CA ASN B 226 0.21 -8.83 1.96
C ASN B 226 1.19 -7.68 2.09
N ALA B 227 0.78 -6.54 2.66
CA ALA B 227 1.69 -5.43 2.81
C ALA B 227 2.82 -5.88 3.73
N VAL B 228 2.56 -6.79 4.66
CA VAL B 228 3.62 -7.32 5.54
C VAL B 228 4.36 -8.50 4.87
N LEU B 229 3.64 -9.43 4.22
CA LEU B 229 4.27 -10.68 3.80
C LEU B 229 5.01 -10.61 2.48
N GLY B 230 4.54 -9.76 1.57
CA GLY B 230 5.27 -9.52 0.34
C GLY B 230 5.19 -10.65 -0.65
N TYR B 231 3.99 -11.20 -0.85
CA TYR B 231 3.76 -12.11 -1.94
C TYR B 231 3.89 -11.36 -3.27
N HIS B 232 4.30 -12.02 -4.32
CA HIS B 232 4.34 -11.34 -5.61
C HIS B 232 4.09 -12.31 -6.72
N ALA B 233 4.09 -11.82 -7.95
CA ALA B 233 3.52 -12.55 -9.10
C ALA B 233 4.26 -13.81 -9.49
N GLU B 234 5.58 -13.89 -9.21
CA GLU B 234 6.32 -15.13 -9.48
C GLU B 234 6.24 -16.10 -8.32
N ASP B 235 5.62 -15.73 -7.19
CA ASP B 235 5.43 -16.70 -6.12
C ASP B 235 4.51 -17.84 -6.52
N ILE B 236 4.76 -18.98 -5.91
CA ILE B 236 3.97 -20.17 -6.09
C ILE B 236 3.57 -20.58 -4.65
N VAL B 237 2.29 -20.50 -4.36
CA VAL B 237 1.76 -20.65 -3.02
C VAL B 237 1.24 -22.06 -2.91
N PHE B 238 1.79 -22.80 -1.95
CA PHE B 238 1.38 -24.19 -1.74
C PHE B 238 0.43 -24.26 -0.55
N CYS B 239 -0.84 -24.48 -0.84
CA CYS B 239 -1.89 -24.30 0.14
C CYS B 239 -2.60 -25.59 0.41
N ARG B 240 -2.40 -26.09 1.63
CA ARG B 240 -2.94 -27.35 2.05
C ARG B 240 -4.25 -27.14 2.82
N MET B 241 -4.55 -25.88 3.17
CA MET B 241 -5.66 -25.58 4.03
C MET B 241 -6.87 -25.55 3.15
N SER B 242 -7.94 -26.12 3.64
CA SER B 242 -9.22 -26.06 2.90
C SER B 242 -9.65 -24.60 2.74
N VAL B 243 -10.26 -24.24 1.62
CA VAL B 243 -10.82 -22.88 1.47
C VAL B 243 -11.98 -22.66 2.41
N SER B 244 -12.47 -23.70 3.04
CA SER B 244 -13.48 -23.50 4.06
C SER B 244 -12.96 -22.89 5.34
N TRP B 245 -11.64 -22.80 5.46
CA TRP B 245 -10.96 -22.13 6.57
C TRP B 245 -10.47 -20.84 5.96
N ASP B 246 -10.47 -19.73 6.71
CA ASP B 246 -9.95 -18.49 6.11
C ASP B 246 -8.48 -18.57 5.74
N PHE B 247 -7.81 -19.61 6.26
CA PHE B 247 -6.39 -19.77 6.01
C PHE B 247 -6.27 -20.00 4.53
N GLY B 248 -7.04 -20.94 4.00
CA GLY B 248 -7.00 -21.23 2.57
C GLY B 248 -7.73 -20.21 1.67
N LEU B 249 -8.86 -19.69 2.16
CA LEU B 249 -9.58 -18.67 1.39
C LEU B 249 -8.67 -17.49 1.09
N TYR B 250 -7.88 -17.08 2.07
CA TYR B 250 -7.03 -15.91 1.87
C TYR B 250 -5.79 -16.16 1.05
N LYS B 251 -5.45 -17.42 0.84
CA LYS B 251 -4.34 -17.74 -0.11
C LYS B 251 -4.93 -17.67 -1.54
N VAL B 252 -6.23 -17.99 -1.69
CA VAL B 252 -6.97 -17.63 -2.96
C VAL B 252 -6.92 -16.13 -3.22
N LEU B 253 -7.27 -15.36 -2.21
CA LEU B 253 -7.33 -13.90 -2.33
C LEU B 253 -6.02 -13.22 -2.51
N ILE B 254 -5.04 -13.59 -1.67
CA ILE B 254 -3.75 -12.99 -1.78
C ILE B 254 -3.05 -13.36 -3.07
N SER B 255 -3.18 -14.60 -3.52
CA SER B 255 -2.59 -14.96 -4.81
C SER B 255 -3.23 -14.19 -5.94
N THR B 256 -4.55 -14.05 -5.89
CA THR B 256 -5.28 -13.34 -6.94
C THR B 256 -4.87 -11.88 -6.91
N LEU B 257 -4.78 -11.32 -5.71
CA LEU B 257 -4.40 -9.94 -5.58
C LEU B 257 -3.10 -9.63 -6.30
N THR B 258 -2.10 -10.51 -6.18
CA THR B 258 -0.71 -10.23 -6.59
C THR B 258 -0.36 -10.90 -7.92
N GLY B 259 -1.25 -11.70 -8.48
CA GLY B 259 -0.95 -12.41 -9.74
C GLY B 259 -0.12 -13.68 -9.58
N ALA B 260 0.03 -14.12 -8.35
CA ALA B 260 0.79 -15.30 -8.02
C ALA B 260 0.05 -16.54 -8.47
N LYS B 261 0.72 -17.67 -8.38
CA LYS B 261 0.10 -18.93 -8.74
C LYS B 261 -0.21 -19.72 -7.47
N LEU B 262 -1.49 -20.11 -7.36
CA LEU B 262 -1.92 -20.88 -6.22
C LEU B 262 -1.91 -22.35 -6.57
N VAL B 263 -1.26 -23.13 -5.70
CA VAL B 263 -1.33 -24.57 -5.80
C VAL B 263 -2.27 -25.04 -4.70
N LEU B 264 -3.39 -25.59 -5.15
CA LEU B 264 -4.43 -26.09 -4.27
C LEU B 264 -4.07 -27.54 -3.97
N ALA B 265 -3.58 -27.81 -2.78
CA ALA B 265 -3.19 -29.14 -2.40
C ALA B 265 -4.25 -29.60 -1.44
N GLY B 266 -4.11 -30.84 -0.94
CA GLY B 266 -5.15 -31.45 -0.09
C GLY B 266 -5.02 -32.96 0.04
N VAL B 274 6.40 -33.70 0.41
CA VAL B 274 7.67 -33.10 0.04
C VAL B 274 7.81 -33.08 -1.48
N LYS B 275 7.58 -34.22 -2.11
CA LYS B 275 7.63 -34.31 -3.58
C LYS B 275 6.65 -33.29 -4.23
N SER B 276 5.43 -33.18 -3.70
CA SER B 276 4.50 -32.18 -4.21
C SER B 276 5.10 -30.79 -4.17
N LEU B 277 5.64 -30.41 -3.00
CA LEU B 277 6.25 -29.09 -2.85
C LEU B 277 7.32 -28.86 -3.86
N ARG B 278 8.25 -29.80 -3.91
CA ARG B 278 9.41 -29.62 -4.73
C ARG B 278 8.97 -29.54 -6.19
N GLU B 279 8.11 -30.46 -6.60
CA GLU B 279 7.72 -30.52 -7.99
C GLU B 279 6.84 -29.35 -8.46
N SER B 280 6.11 -28.72 -7.53
CA SER B 280 5.35 -27.51 -7.86
C SER B 280 6.24 -26.25 -7.92
N GLY B 281 7.47 -26.38 -7.43
CA GLY B 281 8.31 -25.23 -7.31
C GLY B 281 7.72 -24.25 -6.33
N ALA B 282 7.10 -24.75 -5.29
CA ALA B 282 6.48 -23.90 -4.28
C ALA B 282 7.45 -22.88 -3.71
N THR B 283 6.97 -21.66 -3.51
CA THR B 283 7.79 -20.63 -2.90
C THR B 283 7.27 -20.13 -1.51
N MET B 284 5.94 -20.19 -1.32
CA MET B 284 5.31 -19.69 -0.10
C MET B 284 4.46 -20.78 0.44
N MET B 285 4.47 -20.99 1.76
CA MET B 285 3.69 -22.07 2.33
C MET B 285 3.09 -21.67 3.64
N PRO B 286 1.78 -21.49 3.69
CA PRO B 286 1.18 -21.39 4.98
C PRO B 286 1.22 -22.68 5.77
N ILE B 287 1.43 -22.53 7.07
CA ILE B 287 1.51 -23.66 7.96
C ILE B 287 0.71 -23.39 9.20
N VAL B 288 0.42 -24.50 9.87
CA VAL B 288 0.04 -24.51 11.31
C VAL B 288 1.07 -25.38 12.04
N PRO B 289 1.19 -25.30 13.38
CA PRO B 289 2.27 -26.07 14.01
C PRO B 289 2.25 -27.53 13.70
N SER B 290 1.08 -28.15 13.63
CA SER B 290 1.04 -29.59 13.40
C SER B 290 1.44 -29.97 11.96
N LEU B 291 1.10 -29.13 10.98
CA LEU B 291 1.56 -29.36 9.60
C LEU B 291 3.08 -29.17 9.50
N ALA B 292 3.62 -28.24 10.27
CA ALA B 292 5.06 -27.96 10.23
C ALA B 292 5.90 -29.11 10.87
N SER B 293 5.44 -29.66 12.00
CA SER B 293 6.04 -30.88 12.58
C SER B 293 6.03 -32.04 11.62
N MET B 294 4.89 -32.28 10.99
CA MET B 294 4.77 -33.36 10.02
C MET B 294 5.75 -33.15 8.86
N LEU B 295 5.95 -31.90 8.47
CA LEU B 295 6.79 -31.55 7.34
C LEU B 295 8.27 -31.73 7.67
N THR B 296 8.69 -31.46 8.90
CA THR B 296 10.10 -31.68 9.28
C THR B 296 10.43 -33.19 9.28
N THR B 297 9.54 -34.01 9.82
CA THR B 297 9.68 -35.48 9.75
C THR B 297 9.93 -35.99 8.32
N THR B 308 13.14 -24.73 -3.14
CA THR B 308 12.64 -23.40 -3.58
C THR B 308 11.87 -22.58 -2.51
N LEU B 309 11.35 -23.24 -1.50
CA LEU B 309 10.55 -22.55 -0.47
C LEU B 309 11.30 -21.38 0.15
N ARG B 310 10.65 -20.21 0.17
CA ARG B 310 11.23 -18.98 0.77
C ARG B 310 10.53 -18.48 2.02
N MET B 311 9.36 -19.03 2.33
CA MET B 311 8.60 -18.55 3.47
C MET B 311 7.55 -19.55 3.94
N PHE B 312 7.50 -19.69 5.27
CA PHE B 312 6.48 -20.37 5.93
C PHE B 312 5.79 -19.32 6.75
N THR B 313 4.45 -19.29 6.68
CA THR B 313 3.65 -18.34 7.46
C THR B 313 2.72 -19.10 8.35
N ASN B 314 2.96 -18.98 9.65
CA ASN B 314 2.25 -19.74 10.63
C ASN B 314 1.21 -18.90 11.34
N SER B 315 0.03 -19.48 11.50
CA SER B 315 -0.97 -18.94 12.40
C SER B 315 -1.74 -20.06 13.09
N ALA B 316 -2.79 -19.69 13.81
CA ALA B 316 -3.75 -20.63 14.38
C ALA B 316 -3.29 -21.12 15.71
N ALA B 317 -1.98 -21.30 15.91
CA ALA B 317 -1.48 -21.74 17.20
C ALA B 317 -0.03 -21.40 17.30
N ALA B 318 0.49 -21.47 18.53
CA ALA B 318 1.86 -21.07 18.84
C ALA B 318 2.85 -22.04 18.18
N LEU B 319 3.82 -21.54 17.43
CA LEU B 319 4.76 -22.42 16.74
C LEU B 319 5.98 -22.62 17.67
N PRO B 320 6.20 -23.86 18.17
CA PRO B 320 7.31 -23.99 19.16
C PRO B 320 8.68 -23.86 18.54
N GLN B 321 9.62 -23.41 19.38
CA GLN B 321 11.01 -23.16 18.95
C GLN B 321 11.64 -24.35 18.24
N VAL B 322 11.32 -25.57 18.71
CA VAL B 322 11.97 -26.77 18.16
C VAL B 322 11.47 -26.99 16.71
N THR B 323 10.21 -26.65 16.45
CA THR B 323 9.72 -26.71 15.10
C THR B 323 10.36 -25.62 14.26
N ILE B 324 10.51 -24.43 14.82
CA ILE B 324 11.14 -23.33 14.06
C ILE B 324 12.55 -23.75 13.67
N ASP B 325 13.33 -24.20 14.65
CA ASP B 325 14.72 -24.64 14.41
C ASP B 325 14.82 -25.71 13.33
N ALA B 326 13.97 -26.73 13.43
CA ALA B 326 13.91 -27.79 12.44
C ALA B 326 13.50 -27.34 11.04
N LEU B 327 12.61 -26.35 10.96
CA LEU B 327 12.17 -25.79 9.67
C LEU B 327 13.36 -25.10 9.04
N ARG B 328 14.07 -24.31 9.84
CA ARG B 328 15.26 -23.61 9.33
C ARG B 328 16.35 -24.60 8.90
N SER B 329 16.55 -25.68 9.65
CA SER B 329 17.50 -26.75 9.26
C SER B 329 17.09 -27.35 7.89
N ALA B 330 15.87 -27.87 7.80
CA ALA B 330 15.38 -28.47 6.55
C ALA B 330 15.20 -27.45 5.42
N PHE B 331 14.89 -26.20 5.73
CA PHE B 331 14.75 -25.15 4.72
C PHE B 331 15.56 -23.90 5.03
N PRO B 332 16.88 -23.96 4.87
CA PRO B 332 17.66 -22.81 5.25
C PRO B 332 17.35 -21.56 4.42
N GLY B 333 16.89 -21.72 3.20
CA GLY B 333 16.57 -20.57 2.38
C GLY B 333 15.28 -19.86 2.78
N ALA B 334 14.55 -20.36 3.78
CA ALA B 334 13.19 -19.88 4.03
C ALA B 334 13.08 -19.08 5.32
N GLN B 335 12.22 -18.07 5.33
CA GLN B 335 11.88 -17.34 6.54
C GLN B 335 10.71 -18.01 7.21
N VAL B 336 10.72 -18.04 8.53
CA VAL B 336 9.65 -18.62 9.28
C VAL B 336 8.99 -17.46 9.96
N VAL B 337 7.72 -17.21 9.62
CA VAL B 337 7.03 -15.98 10.02
C VAL B 337 5.88 -16.33 10.94
N ARG B 338 5.89 -15.72 12.09
CA ARG B 338 4.90 -15.95 13.09
C ARG B 338 3.77 -14.92 12.94
N MET B 339 2.53 -15.40 13.06
CA MET B 339 1.33 -14.59 12.99
C MET B 339 0.37 -15.06 14.04
N TYR B 340 -0.65 -14.27 14.28
CA TYR B 340 -1.73 -14.63 15.20
C TYR B 340 -3.02 -13.98 14.68
N GLY B 341 -4.13 -14.69 14.79
CA GLY B 341 -5.39 -14.19 14.30
C GLY B 341 -6.59 -14.94 14.82
N GLN B 342 -7.75 -14.35 14.55
CA GLN B 342 -9.05 -14.98 14.72
C GLN B 342 -9.86 -14.68 13.51
N THR B 343 -10.75 -15.59 13.17
CA THR B 343 -11.56 -15.49 11.96
C THR B 343 -12.39 -14.19 12.06
N GLU B 344 -12.76 -13.83 13.28
CA GLU B 344 -13.50 -12.62 13.60
C GLU B 344 -12.96 -11.35 12.93
N CYS B 345 -11.65 -11.29 12.67
CA CYS B 345 -11.06 -10.18 11.92
C CYS B 345 -10.02 -10.63 10.94
N LYS B 346 -10.17 -11.88 10.49
CA LYS B 346 -9.18 -12.62 9.71
C LYS B 346 -7.88 -12.80 10.49
N ARG B 347 -7.15 -11.73 10.75
CA ARG B 347 -5.80 -11.80 11.35
C ARG B 347 -5.49 -10.56 12.16
N ILE B 348 -4.60 -10.71 13.13
CA ILE B 348 -4.40 -9.69 14.12
C ILE B 348 -2.97 -9.12 14.13
N SER B 349 -1.98 -9.99 14.11
CA SER B 349 -0.60 -9.56 14.11
C SER B 349 0.19 -10.43 13.19
N ILE B 350 1.24 -9.84 12.64
CA ILE B 350 2.27 -10.52 11.86
C ILE B 350 3.65 -10.01 12.28
N MET B 351 4.59 -10.95 12.49
CA MET B 351 5.97 -10.59 12.71
C MET B 351 6.59 -10.30 11.37
N PRO B 352 7.08 -9.07 11.16
CA PRO B 352 7.71 -8.83 9.91
C PRO B 352 8.82 -9.86 9.58
N PRO B 353 8.76 -10.41 8.36
CA PRO B 353 9.75 -11.37 7.91
C PRO B 353 11.18 -11.04 8.34
N HIS B 354 11.60 -9.78 8.13
CA HIS B 354 12.97 -9.40 8.33
C HIS B 354 13.34 -9.44 9.80
N LEU B 355 12.34 -9.48 10.69
CA LEU B 355 12.53 -9.64 12.12
C LEU B 355 12.28 -11.08 12.67
N GLU B 356 12.30 -12.10 11.79
CA GLU B 356 11.99 -13.48 12.16
C GLU B 356 12.86 -14.01 13.31
N HIS B 357 14.14 -13.63 13.32
CA HIS B 357 15.08 -14.08 14.37
C HIS B 357 14.94 -13.29 15.66
N GLU B 358 13.95 -12.42 15.83
CA GLU B 358 13.91 -11.60 17.05
C GLU B 358 12.62 -11.68 17.80
N ARG B 359 12.67 -11.19 19.02
CA ARG B 359 11.54 -11.16 19.95
C ARG B 359 10.79 -12.49 19.97
N PRO B 360 11.49 -13.58 20.31
CA PRO B 360 11.00 -14.96 20.07
C PRO B 360 9.64 -15.28 20.71
N ASP B 361 9.26 -14.53 21.75
CA ASP B 361 7.95 -14.72 22.33
C ASP B 361 6.79 -13.94 21.64
N SER B 362 7.11 -13.05 20.68
CA SER B 362 6.07 -12.18 20.07
C SER B 362 5.37 -12.87 18.93
N VAL B 363 4.09 -12.57 18.76
CA VAL B 363 3.37 -12.91 17.52
C VAL B 363 3.31 -11.68 16.59
N GLY B 364 4.16 -10.68 16.84
CA GLY B 364 4.39 -9.61 15.84
C GLY B 364 3.66 -8.31 16.10
N LEU B 365 3.54 -7.51 15.04
CA LEU B 365 2.90 -6.19 15.11
C LEU B 365 1.49 -6.25 14.55
N PRO B 366 0.63 -5.27 14.86
CA PRO B 366 -0.70 -5.18 14.24
C PRO B 366 -0.63 -5.19 12.74
N LEU B 367 -1.68 -5.68 12.09
CA LEU B 367 -1.76 -5.52 10.67
C LEU B 367 -1.68 -4.03 10.35
N PRO B 368 -0.97 -3.66 9.29
CA PRO B 368 -1.01 -2.24 8.81
C PRO B 368 -2.44 -1.74 8.64
N GLY B 369 -2.72 -0.61 9.22
CA GLY B 369 -4.05 -0.01 9.16
C GLY B 369 -5.01 -0.44 10.27
N THR B 370 -4.53 -1.12 11.30
CA THR B 370 -5.40 -1.63 12.34
C THR B 370 -4.77 -1.25 13.67
N THR B 371 -5.52 -1.35 14.79
CA THR B 371 -4.95 -1.10 16.10
C THR B 371 -5.25 -2.23 17.10
N ILE B 372 -4.25 -2.59 17.90
CA ILE B 372 -4.38 -3.53 18.99
C ILE B 372 -4.31 -2.72 20.27
N GLU B 373 -5.34 -2.80 21.11
CA GLU B 373 -5.27 -2.24 22.46
C GLU B 373 -5.55 -3.31 23.49
N ILE B 374 -4.97 -3.14 24.68
CA ILE B 374 -4.95 -4.15 25.74
C ILE B 374 -5.82 -3.97 27.01
N GLY B 388 -3.53 -7.92 30.13
CA GLY B 388 -4.85 -7.39 29.72
C GLY B 388 -5.39 -8.09 28.47
N GLU B 389 -6.67 -7.83 28.17
CA GLU B 389 -7.33 -8.50 27.06
C GLU B 389 -6.90 -7.92 25.72
N ILE B 390 -6.61 -8.79 24.78
CA ILE B 390 -6.19 -8.36 23.47
C ILE B 390 -7.44 -7.96 22.71
N THR B 391 -7.39 -6.76 22.15
CA THR B 391 -8.54 -6.13 21.59
C THR B 391 -8.13 -5.47 20.31
N VAL B 392 -9.05 -5.34 19.35
CA VAL B 392 -8.70 -5.03 17.97
C VAL B 392 -9.75 -4.12 17.34
N THR B 393 -9.27 -3.06 16.70
CA THR B 393 -10.17 -2.19 15.93
C THR B 393 -9.57 -2.03 14.56
N GLY B 394 -10.42 -1.90 13.56
CA GLY B 394 -9.93 -1.66 12.19
C GLY B 394 -10.86 -2.15 11.07
N PRO B 395 -10.46 -1.90 9.82
CA PRO B 395 -11.30 -2.22 8.65
C PRO B 395 -11.30 -3.70 8.27
N HIS B 396 -10.65 -4.51 9.10
CA HIS B 396 -10.63 -5.97 9.00
C HIS B 396 -11.61 -6.63 9.93
N VAL B 397 -12.05 -5.89 10.95
CA VAL B 397 -13.02 -6.40 11.88
C VAL B 397 -14.29 -6.74 11.12
N MET B 398 -14.71 -7.99 11.20
CA MET B 398 -15.78 -8.49 10.32
C MET B 398 -17.13 -8.07 10.87
N ALA B 399 -18.20 -8.41 10.16
CA ALA B 399 -19.54 -7.96 10.56
C ALA B 399 -20.24 -8.87 11.57
N GLY B 400 -19.56 -9.35 12.61
CA GLY B 400 -20.22 -10.23 13.54
C GLY B 400 -20.46 -11.67 13.07
N TYR B 401 -21.27 -12.35 13.87
CA TYR B 401 -21.64 -13.74 13.61
C TYR B 401 -23.00 -13.73 12.95
N TRP B 402 -23.21 -14.62 11.98
CA TRP B 402 -24.48 -14.72 11.22
C TRP B 402 -25.73 -15.04 12.06
N ARG B 403 -26.66 -14.12 12.15
CA ARG B 403 -27.95 -14.30 12.81
C ARG B 403 -27.80 -14.70 14.26
N ALA B 404 -26.98 -13.96 14.98
CA ALA B 404 -26.67 -14.27 16.37
C ALA B 404 -26.28 -12.99 17.07
N PRO B 405 -27.25 -12.08 17.22
CA PRO B 405 -26.98 -10.78 17.83
C PRO B 405 -26.37 -10.89 19.24
N GLU B 406 -26.79 -11.89 20.00
CA GLU B 406 -26.36 -12.06 21.40
C GLU B 406 -24.87 -12.48 21.52
N ILE B 407 -24.42 -13.43 20.70
CA ILE B 407 -23.01 -13.82 20.69
C ILE B 407 -22.16 -12.67 20.15
N THR B 408 -22.71 -11.97 19.16
CA THR B 408 -22.02 -10.91 18.46
C THR B 408 -21.74 -9.77 19.41
N ALA B 409 -22.77 -9.41 20.18
CA ALA B 409 -22.68 -8.40 21.26
C ALA B 409 -21.48 -8.57 22.18
N ARG B 410 -21.21 -9.77 22.66
CA ARG B 410 -20.13 -9.91 23.60
C ARG B 410 -18.73 -9.75 22.99
N ALA B 411 -18.55 -10.23 21.75
CA ALA B 411 -17.24 -10.24 21.09
C ALA B 411 -16.99 -8.91 20.36
N TYR B 412 -18.04 -8.36 19.78
CA TYR B 412 -17.92 -7.13 19.05
C TYR B 412 -18.48 -5.97 19.93
N MET B 421 -16.75 -0.13 15.92
CA MET B 421 -16.82 -1.49 16.41
C MET B 421 -15.45 -2.08 16.77
N ARG B 422 -15.42 -2.74 17.92
CA ARG B 422 -14.17 -3.27 18.45
C ARG B 422 -14.33 -4.73 18.80
N LEU B 423 -13.28 -5.52 18.49
CA LEU B 423 -13.27 -6.96 18.71
C LEU B 423 -12.54 -7.29 19.98
N HIS B 424 -13.20 -7.98 20.90
CA HIS B 424 -12.56 -8.51 22.10
C HIS B 424 -12.26 -9.98 21.85
N THR B 425 -10.99 -10.35 21.86
CA THR B 425 -10.56 -11.65 21.43
C THR B 425 -10.79 -12.68 22.50
N GLY B 426 -10.82 -12.24 23.75
CA GLY B 426 -10.80 -13.14 24.87
C GLY B 426 -9.46 -13.82 25.04
N ASP B 427 -8.43 -13.42 24.29
CA ASP B 427 -7.06 -13.85 24.61
C ASP B 427 -6.43 -12.74 25.46
N TYR B 428 -5.45 -13.10 26.27
CA TYR B 428 -4.82 -12.13 27.14
C TYR B 428 -3.32 -12.04 26.86
N GLY B 429 -2.81 -10.82 26.97
CA GLY B 429 -1.37 -10.60 26.91
C GLY B 429 -0.99 -9.14 26.96
N HIS B 430 0.18 -8.83 26.42
CA HIS B 430 0.75 -7.48 26.51
C HIS B 430 1.49 -7.01 25.24
N LEU B 431 1.58 -5.69 25.07
CA LEU B 431 2.39 -5.03 24.06
C LEU B 431 3.73 -4.62 24.69
N ASP B 432 4.87 -4.92 24.06
CA ASP B 432 6.13 -4.29 24.44
C ASP B 432 6.22 -2.99 23.66
N PHE B 436 4.72 -4.29 19.61
CA PHE B 436 4.76 -5.73 19.50
C PHE B 436 3.91 -6.50 20.52
N LEU B 437 3.29 -7.59 20.08
CA LEU B 437 2.33 -8.34 20.89
C LEU B 437 2.88 -9.65 21.44
N TYR B 438 2.46 -9.94 22.66
CA TYR B 438 2.84 -11.12 23.44
C TYR B 438 1.61 -11.70 24.17
N PHE B 439 1.55 -13.02 24.32
CA PHE B 439 0.54 -13.66 25.20
C PHE B 439 0.92 -13.71 26.68
#